data_3I58
#
_entry.id   3I58
#
_cell.length_a   108.392
_cell.length_b   108.392
_cell.length_c   210.321
_cell.angle_alpha   90.00
_cell.angle_beta   90.00
_cell.angle_gamma   120.00
#
_symmetry.space_group_name_H-M   'P 65'
#
loop_
_entity.id
_entity.type
_entity.pdbx_description
1 polymer O-methyltransferase
2 non-polymer S-ADENOSYL-L-HOMOCYSTEINE
3 non-polymer '2-hydroxy-7-methoxy-5-methyl naphthoic acid'
4 non-polymer GLYCEROL
5 water water
#
_entity_poly.entity_id   1
_entity_poly.type   'polypeptide(L)'
_entity_poly.pdbx_seq_one_letter_code
;MGKRAAHIGLRALADLATPMAVRVAATLRVADHIAAGHRTAAEIASAAGAHADSLDRLLRHLVAVGLFTRDGQGVYGLTE
FGEQLRDDHAAGKRKWLDMNSAVGRGDLGFVELAHSIRTGQPAYPVRYGTSFWEDLGSDPVLSASFDTLMSHHLELDYTG
IAAKYDWAALGHVVDVGGGSGGLLSALLTAHEDLSGTVLDLQGPASAAHRRFLDTGLSGRAQVVVGSFFDPLPAGAGGYV
LSAVLHDWDDLSAVAILRRCAEAAGSGGVVLVIEAVAGDEHAGTGMDLRMLTYFGGKERSLAELGELAAQAGLAVRAAHP
ISYVSIVEMTAL
;
_entity_poly.pdbx_strand_id   A,B
#
# COMPACT_ATOMS: atom_id res chain seq x y z
N ALA A 5 -8.80 10.79 -13.38
CA ALA A 5 -7.73 11.57 -14.06
C ALA A 5 -6.37 11.43 -13.35
N ALA A 6 -5.37 11.00 -14.13
CA ALA A 6 -4.00 10.82 -13.64
C ALA A 6 -3.10 11.90 -14.25
N HIS A 7 -2.88 12.96 -13.48
CA HIS A 7 -2.02 14.07 -13.89
C HIS A 7 -0.88 14.02 -12.88
N ILE A 8 -0.52 12.79 -12.51
CA ILE A 8 0.55 12.52 -11.56
C ILE A 8 1.28 11.22 -11.97
N GLY A 9 2.61 11.25 -11.89
CA GLY A 9 3.45 10.12 -12.26
C GLY A 9 3.13 8.67 -11.94
N LEU A 10 3.12 7.82 -12.97
CA LEU A 10 2.84 6.40 -12.81
C LEU A 10 3.44 5.77 -11.56
N ARG A 11 4.73 5.98 -11.34
CA ARG A 11 5.37 5.40 -10.17
C ARG A 11 4.83 6.01 -8.89
N ALA A 12 4.54 7.31 -8.93
CA ALA A 12 4.00 8.00 -7.77
C ALA A 12 2.58 7.52 -7.53
N LEU A 13 1.90 7.15 -8.61
CA LEU A 13 0.54 6.68 -8.53
C LEU A 13 0.53 5.32 -7.80
N ALA A 14 1.67 4.62 -7.85
CA ALA A 14 1.79 3.32 -7.21
C ALA A 14 2.60 3.37 -5.92
N ASP A 15 2.78 4.57 -5.35
CA ASP A 15 3.54 4.71 -4.10
C ASP A 15 2.86 4.08 -2.90
N LEU A 16 3.62 3.36 -2.09
CA LEU A 16 3.07 2.74 -0.90
C LEU A 16 3.65 3.41 0.34
N ALA A 17 4.73 4.14 0.18
CA ALA A 17 5.37 4.82 1.29
C ALA A 17 4.45 5.81 2.00
N THR A 18 3.73 6.61 1.25
CA THR A 18 2.85 7.58 1.87
C THR A 18 1.59 6.96 2.50
N PRO A 19 0.89 6.08 1.77
CA PRO A 19 -0.31 5.48 2.36
C PRO A 19 0.04 4.79 3.68
N MET A 20 1.13 4.02 3.69
CA MET A 20 1.58 3.32 4.89
C MET A 20 2.07 4.28 5.96
N ALA A 21 2.73 5.36 5.56
CA ALA A 21 3.23 6.33 6.52
C ALA A 21 2.07 7.01 7.24
N VAL A 22 0.98 7.26 6.51
CA VAL A 22 -0.20 7.88 7.12
C VAL A 22 -0.85 6.90 8.08
N ARG A 23 -1.00 5.66 7.66
CA ARG A 23 -1.62 4.65 8.51
C ARG A 23 -0.79 4.43 9.77
N VAL A 24 0.52 4.47 9.65
CA VAL A 24 1.37 4.28 10.82
C VAL A 24 1.21 5.47 11.78
N ALA A 25 1.14 6.68 11.25
CA ALA A 25 0.97 7.86 12.09
C ALA A 25 -0.39 7.76 12.77
N ALA A 26 -1.40 7.34 12.02
CA ALA A 26 -2.73 7.18 12.59
C ALA A 26 -2.70 6.13 13.68
N THR A 27 -1.92 5.08 13.50
CA THR A 27 -1.84 4.04 14.51
C THR A 27 -1.06 4.48 15.74
N LEU A 28 0.03 5.21 15.54
CA LEU A 28 0.83 5.71 16.66
C LEU A 28 0.20 6.96 17.29
N ARG A 29 -0.97 7.36 16.77
CA ARG A 29 -1.66 8.53 17.31
C ARG A 29 -0.74 9.74 17.42
N VAL A 30 0.10 9.92 16.43
CA VAL A 30 1.04 11.03 16.40
C VAL A 30 0.38 12.40 16.57
N ALA A 31 -0.72 12.63 15.87
CA ALA A 31 -1.41 13.92 15.96
C ALA A 31 -1.88 14.20 17.39
N ASP A 32 -2.39 13.17 18.07
CA ASP A 32 -2.86 13.35 19.43
C ASP A 32 -1.71 13.76 20.34
N HIS A 33 -0.57 13.10 20.21
CA HIS A 33 0.59 13.40 21.02
C HIS A 33 1.10 14.82 20.78
N ILE A 34 1.01 15.28 19.53
CA ILE A 34 1.44 16.62 19.17
C ILE A 34 0.54 17.68 19.83
N ALA A 35 -0.76 17.58 19.60
CA ALA A 35 -1.73 18.52 20.17
C ALA A 35 -1.74 18.46 21.70
N ALA A 36 -1.13 17.42 22.27
CA ALA A 36 -1.08 17.27 23.72
C ALA A 36 0.25 17.74 24.33
N GLY A 37 1.03 18.52 23.57
CA GLY A 37 2.27 19.03 24.11
C GLY A 37 3.60 18.37 23.76
N HIS A 38 3.57 17.23 23.09
CA HIS A 38 4.81 16.56 22.69
C HIS A 38 5.10 17.05 21.29
N ARG A 39 6.19 17.80 21.15
CA ARG A 39 6.53 18.39 19.86
C ARG A 39 7.72 17.82 19.11
N THR A 40 8.72 17.36 19.84
CA THR A 40 9.93 16.80 19.24
C THR A 40 9.88 15.30 19.05
N ALA A 41 10.59 14.81 18.04
CA ALA A 41 10.64 13.39 17.74
C ALA A 41 10.87 12.58 19.00
N ALA A 42 11.86 12.99 19.80
CA ALA A 42 12.19 12.28 21.02
C ALA A 42 10.94 12.11 21.90
N GLU A 43 10.21 13.21 22.08
CA GLU A 43 9.00 13.20 22.89
C GLU A 43 7.89 12.32 22.29
N ILE A 44 7.47 12.63 21.06
CA ILE A 44 6.42 11.85 20.39
C ILE A 44 6.72 10.36 20.46
N ALA A 45 7.98 10.01 20.17
CA ALA A 45 8.41 8.63 20.18
C ALA A 45 8.19 7.95 21.52
N SER A 46 8.65 8.57 22.60
CA SER A 46 8.49 8.00 23.92
C SER A 46 7.02 7.93 24.29
N ALA A 47 6.26 8.95 23.91
CA ALA A 47 4.84 8.99 24.21
C ALA A 47 4.08 7.95 23.41
N ALA A 48 4.67 7.48 22.31
CA ALA A 48 4.01 6.49 21.46
C ALA A 48 4.68 5.12 21.46
N GLY A 49 5.88 5.04 22.02
CA GLY A 49 6.57 3.77 22.06
C GLY A 49 7.29 3.41 20.75
N ALA A 50 7.75 4.44 20.05
CA ALA A 50 8.44 4.26 18.78
C ALA A 50 9.94 4.57 18.92
N HIS A 51 10.70 4.16 17.90
CA HIS A 51 12.14 4.40 17.85
C HIS A 51 12.30 5.86 17.44
N ALA A 52 12.97 6.64 18.26
CA ALA A 52 13.16 8.07 18.00
C ALA A 52 13.57 8.45 16.58
N ASP A 53 14.74 8.00 16.14
CA ASP A 53 15.25 8.32 14.80
C ASP A 53 14.32 7.89 13.68
N SER A 54 13.76 6.69 13.81
CA SER A 54 12.85 6.17 12.80
C SER A 54 11.61 7.05 12.72
N LEU A 55 11.00 7.32 13.88
CA LEU A 55 9.80 8.15 13.90
C LEU A 55 10.08 9.50 13.28
N ASP A 56 11.21 10.10 13.66
CA ASP A 56 11.56 11.39 13.11
C ASP A 56 11.53 11.30 11.58
N ARG A 57 12.08 10.21 11.04
CA ARG A 57 12.09 10.02 9.59
C ARG A 57 10.68 9.90 9.00
N LEU A 58 9.76 9.27 9.73
CA LEU A 58 8.38 9.14 9.28
C LEU A 58 7.73 10.52 9.25
N LEU A 59 7.93 11.26 10.35
CA LEU A 59 7.37 12.60 10.46
C LEU A 59 7.86 13.53 9.35
N ARG A 60 9.16 13.53 9.11
CA ARG A 60 9.71 14.36 8.04
C ARG A 60 9.04 14.06 6.71
N HIS A 61 8.74 12.79 6.47
CA HIS A 61 8.09 12.42 5.22
C HIS A 61 6.65 12.94 5.22
N LEU A 62 6.00 12.87 6.38
CA LEU A 62 4.63 13.36 6.50
C LEU A 62 4.55 14.91 6.49
N VAL A 63 5.66 15.57 6.82
CA VAL A 63 5.70 17.02 6.79
C VAL A 63 5.65 17.39 5.31
N ALA A 64 6.45 16.68 4.52
CA ALA A 64 6.50 16.87 3.08
C ALA A 64 5.13 16.63 2.43
N VAL A 65 4.43 15.61 2.93
CA VAL A 65 3.12 15.27 2.39
C VAL A 65 2.13 16.40 2.66
N GLY A 66 2.34 17.12 3.75
CA GLY A 66 1.45 18.22 4.09
C GLY A 66 0.54 17.99 5.29
N LEU A 67 0.94 17.09 6.17
CA LEU A 67 0.12 16.81 7.34
C LEU A 67 0.71 17.42 8.59
N PHE A 68 2.02 17.62 8.59
CA PHE A 68 2.68 18.18 9.76
C PHE A 68 3.54 19.39 9.44
N THR A 69 4.14 19.93 10.50
CA THR A 69 4.99 21.10 10.44
C THR A 69 6.20 20.84 11.30
N ARG A 70 7.37 21.33 10.89
CA ARG A 70 8.58 21.12 11.66
C ARG A 70 9.41 22.40 11.63
N ASP A 71 9.61 23.00 12.80
CA ASP A 71 10.36 24.24 12.90
C ASP A 71 11.84 24.01 13.17
N GLY A 72 12.61 25.11 13.14
CA GLY A 72 14.04 25.04 13.35
C GLY A 72 14.55 24.21 14.50
N GLN A 73 13.80 24.13 15.59
CA GLN A 73 14.23 23.35 16.76
C GLN A 73 13.75 21.92 16.70
N GLY A 74 13.13 21.54 15.59
CA GLY A 74 12.63 20.18 15.45
C GLY A 74 11.28 20.04 16.15
N VAL A 75 10.64 21.19 16.39
CA VAL A 75 9.35 21.23 17.03
C VAL A 75 8.29 20.97 15.98
N TYR A 76 7.59 19.84 16.11
CA TYR A 76 6.56 19.47 15.15
C TYR A 76 5.22 20.09 15.49
N GLY A 77 4.46 20.41 14.45
CA GLY A 77 3.14 21.00 14.65
C GLY A 77 2.18 20.42 13.63
N LEU A 78 0.89 20.52 13.88
CA LEU A 78 -0.10 19.97 12.97
C LEU A 78 -0.52 20.98 11.92
N THR A 79 -0.67 20.50 10.70
CA THR A 79 -1.12 21.32 9.59
C THR A 79 -2.64 21.38 9.72
N GLU A 80 -3.27 22.24 8.93
CA GLU A 80 -4.72 22.36 8.96
C GLU A 80 -5.31 21.01 8.63
N PHE A 81 -4.65 20.32 7.69
CA PHE A 81 -5.09 19.01 7.23
C PHE A 81 -4.72 17.91 8.21
N GLY A 82 -3.60 18.09 8.91
CA GLY A 82 -3.17 17.09 9.88
C GLY A 82 -4.09 16.98 11.07
N GLU A 83 -4.98 17.96 11.23
CA GLU A 83 -5.93 17.96 12.34
C GLU A 83 -6.81 16.72 12.24
N GLN A 84 -7.15 16.35 11.01
CA GLN A 84 -7.99 15.20 10.76
C GLN A 84 -7.42 13.89 11.28
N LEU A 85 -6.18 13.91 11.76
CA LEU A 85 -5.54 12.71 12.28
C LEU A 85 -5.78 12.53 13.77
N ARG A 86 -6.24 13.59 14.43
CA ARG A 86 -6.52 13.55 15.86
C ARG A 86 -7.72 12.65 16.13
N ASP A 87 -7.63 11.86 17.20
CA ASP A 87 -8.71 10.96 17.53
C ASP A 87 -10.00 11.65 17.94
N ASP A 88 -9.92 12.95 18.24
CA ASP A 88 -11.09 13.71 18.69
C ASP A 88 -11.68 14.59 17.59
N HIS A 89 -11.16 14.47 16.38
CA HIS A 89 -11.65 15.25 15.25
C HIS A 89 -13.07 14.86 14.85
N ALA A 90 -13.80 15.82 14.29
CA ALA A 90 -15.18 15.61 13.88
C ALA A 90 -15.43 14.45 12.91
N ALA A 91 -14.65 14.39 11.85
CA ALA A 91 -14.80 13.37 10.82
C ALA A 91 -14.52 11.93 11.26
N GLY A 92 -13.92 11.76 12.43
CA GLY A 92 -13.63 10.44 12.96
C GLY A 92 -12.90 9.49 12.01
N LYS A 93 -11.98 10.04 11.21
CA LYS A 93 -11.21 9.30 10.23
C LYS A 93 -10.10 8.41 10.80
N ARG A 94 -9.33 8.94 11.74
CA ARG A 94 -8.23 8.17 12.31
C ARG A 94 -8.55 6.71 12.63
N LYS A 95 -9.67 6.44 13.27
CA LYS A 95 -9.98 5.05 13.62
C LYS A 95 -10.09 4.13 12.41
N TRP A 96 -10.40 4.68 11.24
CA TRP A 96 -10.50 3.85 10.04
C TRP A 96 -9.13 3.44 9.50
N LEU A 97 -8.09 4.23 9.84
CA LEU A 97 -6.74 3.94 9.37
C LEU A 97 -5.89 3.18 10.36
N ASP A 98 -6.33 3.16 11.60
CA ASP A 98 -5.61 2.49 12.67
C ASP A 98 -5.39 1.00 12.34
N MET A 99 -4.12 0.58 12.25
CA MET A 99 -3.83 -0.81 11.94
C MET A 99 -4.38 -1.80 12.96
N ASN A 100 -4.93 -1.29 14.05
CA ASN A 100 -5.48 -2.15 15.08
C ASN A 100 -6.96 -2.41 14.85
N SER A 101 -7.66 -1.46 14.24
CA SER A 101 -9.09 -1.66 13.98
C SER A 101 -9.29 -2.70 12.87
N ALA A 102 -10.49 -3.27 12.79
CA ALA A 102 -10.76 -4.27 11.77
C ALA A 102 -10.52 -3.77 10.35
N VAL A 103 -10.96 -2.55 10.05
CA VAL A 103 -10.78 -2.02 8.71
C VAL A 103 -9.34 -1.59 8.42
N GLY A 104 -8.65 -1.04 9.42
CA GLY A 104 -7.28 -0.64 9.22
C GLY A 104 -6.39 -1.86 9.09
N ARG A 105 -6.88 -2.97 9.60
CA ARG A 105 -6.15 -4.23 9.54
C ARG A 105 -6.49 -4.96 8.22
N GLY A 106 -7.76 -4.96 7.84
CA GLY A 106 -8.18 -5.63 6.62
C GLY A 106 -7.64 -4.98 5.36
N ASP A 107 -7.60 -3.65 5.37
CA ASP A 107 -7.10 -2.90 4.21
C ASP A 107 -5.67 -3.31 3.85
N LEU A 108 -4.88 -3.73 4.82
CA LEU A 108 -3.52 -4.15 4.54
C LEU A 108 -3.59 -5.42 3.69
N GLY A 109 -4.77 -6.01 3.59
CA GLY A 109 -4.92 -7.21 2.79
C GLY A 109 -4.71 -6.91 1.32
N PHE A 110 -4.81 -5.64 0.94
CA PHE A 110 -4.63 -5.24 -0.44
C PHE A 110 -3.26 -5.63 -0.95
N VAL A 111 -2.31 -5.76 -0.03
CA VAL A 111 -0.97 -6.13 -0.43
C VAL A 111 -0.97 -7.52 -1.09
N GLU A 112 -2.13 -8.17 -1.10
CA GLU A 112 -2.28 -9.49 -1.73
C GLU A 112 -3.34 -9.45 -2.84
N LEU A 113 -3.58 -8.26 -3.40
CA LEU A 113 -4.59 -8.10 -4.45
C LEU A 113 -4.33 -9.05 -5.61
N ALA A 114 -3.06 -9.27 -5.96
CA ALA A 114 -2.74 -10.14 -7.07
C ALA A 114 -3.49 -11.47 -6.92
N HIS A 115 -3.53 -12.00 -5.70
CA HIS A 115 -4.21 -13.29 -5.52
C HIS A 115 -5.69 -13.21 -5.89
N SER A 116 -6.35 -12.14 -5.52
CA SER A 116 -7.76 -12.02 -5.85
C SER A 116 -7.94 -11.87 -7.34
N ILE A 117 -7.12 -11.01 -7.94
CA ILE A 117 -7.24 -10.79 -9.37
C ILE A 117 -7.00 -12.06 -10.17
N ARG A 118 -6.13 -12.94 -9.69
CA ARG A 118 -5.87 -14.19 -10.39
C ARG A 118 -6.93 -15.26 -10.14
N THR A 119 -7.29 -15.46 -8.86
CA THR A 119 -8.24 -16.50 -8.49
C THR A 119 -9.70 -16.13 -8.29
N GLY A 120 -9.96 -14.85 -7.99
CA GLY A 120 -11.33 -14.44 -7.74
C GLY A 120 -11.70 -14.71 -6.29
N GLN A 121 -10.71 -15.18 -5.53
CA GLN A 121 -10.90 -15.48 -4.12
C GLN A 121 -10.43 -14.31 -3.26
N PRO A 122 -10.95 -14.19 -2.03
CA PRO A 122 -10.55 -13.09 -1.15
C PRO A 122 -9.07 -13.15 -0.82
N ALA A 123 -8.50 -11.98 -0.56
CA ALA A 123 -7.09 -11.85 -0.27
C ALA A 123 -6.81 -11.82 1.23
N TYR A 124 -7.78 -11.35 1.98
CA TYR A 124 -7.61 -11.26 3.42
C TYR A 124 -7.03 -12.51 4.04
N PRO A 125 -7.55 -13.70 3.66
CA PRO A 125 -7.02 -14.95 4.21
C PRO A 125 -5.56 -15.17 3.86
N VAL A 126 -5.17 -14.83 2.63
CA VAL A 126 -3.79 -15.02 2.22
C VAL A 126 -2.86 -14.36 3.21
N ARG A 127 -3.18 -13.14 3.62
CA ARG A 127 -2.32 -12.43 4.58
C ARG A 127 -2.54 -12.81 6.05
N TYR A 128 -3.76 -13.18 6.43
CA TYR A 128 -4.01 -13.48 7.83
C TYR A 128 -4.30 -14.94 8.19
N GLY A 129 -4.33 -15.81 7.20
CA GLY A 129 -4.55 -17.22 7.44
C GLY A 129 -5.94 -17.63 7.91
N THR A 130 -6.94 -16.82 7.61
CA THR A 130 -8.30 -17.14 8.01
C THR A 130 -9.24 -16.08 7.45
N SER A 131 -10.52 -16.39 7.34
CA SER A 131 -11.47 -15.42 6.81
C SER A 131 -11.60 -14.23 7.74
N PHE A 132 -12.27 -13.19 7.26
CA PHE A 132 -12.47 -11.98 8.04
C PHE A 132 -13.36 -12.28 9.23
N TRP A 133 -14.48 -12.94 8.97
CA TRP A 133 -15.45 -13.27 10.01
C TRP A 133 -14.91 -14.24 11.04
N GLU A 134 -14.08 -15.18 10.59
CA GLU A 134 -13.49 -16.12 11.52
C GLU A 134 -12.57 -15.32 12.44
N ASP A 135 -11.85 -14.37 11.86
CA ASP A 135 -10.93 -13.53 12.60
C ASP A 135 -11.65 -12.74 13.70
N LEU A 136 -12.72 -12.04 13.33
CA LEU A 136 -13.49 -11.26 14.27
C LEU A 136 -14.13 -12.16 15.32
N GLY A 137 -14.52 -13.35 14.89
CA GLY A 137 -15.15 -14.30 15.80
C GLY A 137 -14.22 -14.86 16.87
N SER A 138 -12.91 -14.81 16.63
CA SER A 138 -11.96 -15.34 17.60
C SER A 138 -11.25 -14.22 18.36
N ASP A 139 -11.49 -12.98 17.93
CA ASP A 139 -10.88 -11.82 18.58
C ASP A 139 -12.00 -10.86 18.93
N PRO A 140 -12.51 -10.94 20.18
CA PRO A 140 -13.59 -10.05 20.62
C PRO A 140 -13.29 -8.55 20.52
N VAL A 141 -12.07 -8.16 20.85
CA VAL A 141 -11.71 -6.76 20.77
C VAL A 141 -11.75 -6.27 19.32
N LEU A 142 -11.22 -7.10 18.42
CA LEU A 142 -11.19 -6.79 17.01
C LEU A 142 -12.62 -6.61 16.51
N SER A 143 -13.48 -7.55 16.88
CA SER A 143 -14.89 -7.53 16.49
C SER A 143 -15.60 -6.27 16.99
N ALA A 144 -15.23 -5.80 18.18
CA ALA A 144 -15.84 -4.60 18.73
C ALA A 144 -15.50 -3.39 17.85
N SER A 145 -14.23 -3.27 17.47
CA SER A 145 -13.82 -2.14 16.64
C SER A 145 -14.61 -2.16 15.31
N PHE A 146 -14.82 -3.35 14.75
CA PHE A 146 -15.60 -3.42 13.53
C PHE A 146 -17.02 -2.88 13.80
N ASP A 147 -17.62 -3.29 14.93
CA ASP A 147 -18.96 -2.83 15.30
C ASP A 147 -19.04 -1.30 15.37
N THR A 148 -18.00 -0.71 15.94
CA THR A 148 -17.89 0.73 16.08
C THR A 148 -17.79 1.42 14.72
N LEU A 149 -17.03 0.81 13.82
CA LEU A 149 -16.83 1.36 12.48
C LEU A 149 -18.10 1.34 11.66
N MET A 150 -18.82 0.21 11.67
CA MET A 150 -20.05 0.14 10.90
C MET A 150 -21.06 1.08 11.51
N SER A 151 -20.96 1.27 12.82
CA SER A 151 -21.87 2.16 13.50
C SER A 151 -21.65 3.56 12.95
N HIS A 152 -20.38 3.94 12.78
CA HIS A 152 -20.02 5.25 12.25
C HIS A 152 -20.46 5.37 10.78
N HIS A 153 -20.28 4.31 10.00
CA HIS A 153 -20.67 4.33 8.60
C HIS A 153 -22.15 4.72 8.45
N LEU A 154 -22.97 4.38 9.44
CA LEU A 154 -24.40 4.70 9.42
C LEU A 154 -24.61 6.22 9.43
N GLU A 155 -23.88 6.91 10.30
CA GLU A 155 -23.98 8.36 10.41
C GLU A 155 -23.49 8.98 9.10
N LEU A 156 -22.40 8.43 8.58
CA LEU A 156 -21.79 8.87 7.35
C LEU A 156 -22.69 8.73 6.13
N ASP A 157 -23.29 7.56 5.95
CA ASP A 157 -24.10 7.30 4.75
C ASP A 157 -25.62 7.29 4.83
N TYR A 158 -26.17 6.93 5.98
CA TYR A 158 -27.62 6.83 6.12
C TYR A 158 -28.35 8.07 6.61
N THR A 159 -27.68 9.21 6.50
CA THR A 159 -28.26 10.47 6.94
C THR A 159 -29.70 10.71 6.45
N GLY A 160 -30.64 10.76 7.41
CA GLY A 160 -32.05 10.98 7.09
C GLY A 160 -32.85 9.72 6.77
N ILE A 161 -32.23 8.57 6.88
CA ILE A 161 -32.84 7.27 6.58
C ILE A 161 -34.21 7.06 7.22
N ALA A 162 -34.39 7.66 8.41
CA ALA A 162 -35.63 7.57 9.16
C ALA A 162 -36.88 7.92 8.35
N ALA A 163 -36.87 9.12 7.77
CA ALA A 163 -37.99 9.61 6.97
C ALA A 163 -38.03 9.19 5.50
N LYS A 164 -36.86 8.94 4.92
CA LYS A 164 -36.80 8.56 3.52
C LYS A 164 -37.65 7.37 3.09
N TYR A 165 -38.12 6.59 4.06
CA TYR A 165 -38.95 5.41 3.76
C TYR A 165 -40.05 5.26 4.81
N ASP A 166 -41.11 4.51 4.46
CA ASP A 166 -42.21 4.32 5.40
C ASP A 166 -42.06 3.06 6.23
N TRP A 167 -41.27 3.21 7.31
CA TRP A 167 -40.97 2.13 8.24
C TRP A 167 -42.15 1.79 9.14
N ALA A 168 -42.70 2.81 9.79
CA ALA A 168 -43.81 2.65 10.68
C ALA A 168 -44.85 1.67 10.13
N ALA A 169 -45.08 1.71 8.82
CA ALA A 169 -46.07 0.83 8.20
C ALA A 169 -45.68 -0.63 8.26
N LEU A 170 -44.51 -0.93 8.82
CA LEU A 170 -44.04 -2.31 8.90
C LEU A 170 -44.40 -3.00 10.21
N GLY A 171 -44.56 -2.19 11.26
CA GLY A 171 -44.89 -2.72 12.57
C GLY A 171 -43.68 -3.33 13.25
N HIS A 172 -43.19 -4.41 12.67
CA HIS A 172 -42.02 -5.07 13.21
C HIS A 172 -40.98 -5.34 12.11
N VAL A 173 -39.76 -4.85 12.32
CA VAL A 173 -38.70 -5.03 11.33
C VAL A 173 -37.56 -5.91 11.86
N VAL A 174 -37.03 -6.78 11.01
CA VAL A 174 -35.92 -7.65 11.41
C VAL A 174 -34.67 -7.17 10.68
N ASP A 175 -33.68 -6.68 11.43
CA ASP A 175 -32.45 -6.20 10.81
C ASP A 175 -31.48 -7.38 10.74
N VAL A 176 -31.51 -8.07 9.60
CA VAL A 176 -30.66 -9.24 9.35
C VAL A 176 -29.22 -8.80 9.18
N GLY A 177 -28.38 -9.13 10.15
CA GLY A 177 -26.99 -8.73 10.13
C GLY A 177 -26.86 -7.31 10.63
N GLY A 178 -27.80 -6.88 11.48
CA GLY A 178 -27.81 -5.53 12.02
C GLY A 178 -26.75 -5.03 12.99
N GLY A 179 -25.64 -5.75 13.15
CA GLY A 179 -24.60 -5.27 14.05
C GLY A 179 -25.00 -4.80 15.45
N SER A 180 -24.35 -3.75 15.93
CA SER A 180 -24.63 -3.20 17.26
C SER A 180 -26.01 -2.60 17.33
N GLY A 181 -26.78 -2.72 16.26
CA GLY A 181 -28.13 -2.20 16.25
C GLY A 181 -28.32 -0.70 16.05
N GLY A 182 -27.31 -0.05 15.48
CA GLY A 182 -27.41 1.39 15.24
C GLY A 182 -28.57 1.79 14.36
N LEU A 183 -28.82 1.03 13.30
CA LEU A 183 -29.90 1.38 12.41
C LEU A 183 -31.25 1.21 13.07
N LEU A 184 -31.48 0.05 13.66
CA LEU A 184 -32.77 -0.20 14.31
C LEU A 184 -32.97 0.84 15.42
N SER A 185 -31.90 1.12 16.15
CA SER A 185 -31.96 2.09 17.22
C SER A 185 -32.41 3.45 16.67
N ALA A 186 -32.04 3.73 15.43
CA ALA A 186 -32.41 5.00 14.80
C ALA A 186 -33.85 4.93 14.28
N LEU A 187 -34.21 3.80 13.69
CA LEU A 187 -35.55 3.65 13.17
C LEU A 187 -36.59 3.74 14.29
N LEU A 188 -36.36 3.01 15.38
CA LEU A 188 -37.31 3.02 16.50
C LEU A 188 -37.36 4.34 17.25
N THR A 189 -36.22 5.02 17.37
CA THR A 189 -36.24 6.29 18.06
C THR A 189 -37.11 7.28 17.29
N ALA A 190 -37.22 7.08 15.98
CA ALA A 190 -38.01 7.95 15.13
C ALA A 190 -39.40 7.38 14.80
N HIS A 191 -39.76 6.25 15.39
CA HIS A 191 -41.07 5.64 15.14
C HIS A 191 -41.61 4.91 16.36
N GLU A 192 -42.14 5.70 17.29
CA GLU A 192 -42.74 5.28 18.56
C GLU A 192 -43.44 3.93 18.61
N ASP A 193 -44.26 3.63 17.61
CA ASP A 193 -45.03 2.38 17.55
C ASP A 193 -44.31 1.25 16.86
N LEU A 194 -43.08 1.49 16.43
CA LEU A 194 -42.33 0.45 15.74
C LEU A 194 -41.52 -0.43 16.67
N SER A 195 -41.41 -1.69 16.28
CA SER A 195 -40.63 -2.65 17.04
C SER A 195 -39.80 -3.46 16.04
N GLY A 196 -38.72 -4.07 16.52
CA GLY A 196 -37.89 -4.86 15.65
C GLY A 196 -36.87 -5.67 16.42
N THR A 197 -36.13 -6.50 15.69
CA THR A 197 -35.10 -7.32 16.30
C THR A 197 -33.83 -7.38 15.43
N VAL A 198 -32.68 -7.36 16.09
CA VAL A 198 -31.39 -7.43 15.43
C VAL A 198 -30.96 -8.90 15.41
N LEU A 199 -30.66 -9.41 14.23
CA LEU A 199 -30.19 -10.80 14.07
C LEU A 199 -28.72 -10.69 13.64
N ASP A 200 -27.81 -11.30 14.38
CA ASP A 200 -26.39 -11.21 14.02
C ASP A 200 -25.59 -12.23 14.81
N LEU A 201 -24.30 -12.35 14.52
CA LEU A 201 -23.47 -13.28 15.26
C LEU A 201 -23.45 -12.78 16.70
N GLN A 202 -22.98 -13.61 17.63
CA GLN A 202 -22.98 -13.25 19.04
C GLN A 202 -22.27 -11.98 19.47
N GLY A 203 -21.16 -11.62 18.84
CA GLY A 203 -20.47 -10.40 19.23
C GLY A 203 -21.32 -9.14 19.03
N PRO A 204 -21.68 -8.83 17.76
CA PRO A 204 -22.49 -7.65 17.50
C PRO A 204 -23.86 -7.70 18.22
N ALA A 205 -24.51 -8.86 18.19
CA ALA A 205 -25.81 -9.00 18.83
C ALA A 205 -25.76 -8.64 20.32
N SER A 206 -24.69 -9.02 21.00
CA SER A 206 -24.58 -8.70 22.41
C SER A 206 -24.33 -7.22 22.55
N ALA A 207 -23.66 -6.61 21.56
CA ALA A 207 -23.40 -5.16 21.62
C ALA A 207 -24.73 -4.44 21.38
N ALA A 208 -25.57 -5.01 20.51
CA ALA A 208 -26.87 -4.45 20.21
C ALA A 208 -27.72 -4.47 21.47
N HIS A 209 -27.64 -5.58 22.19
CA HIS A 209 -28.40 -5.76 23.42
C HIS A 209 -27.96 -4.72 24.45
N ARG A 210 -26.67 -4.59 24.66
CA ARG A 210 -26.14 -3.61 25.61
C ARG A 210 -26.66 -2.22 25.29
N ARG A 211 -26.82 -1.94 24.00
CA ARG A 211 -27.30 -0.63 23.54
C ARG A 211 -28.77 -0.41 23.84
N PHE A 212 -29.60 -1.37 23.44
CA PHE A 212 -31.03 -1.23 23.70
C PHE A 212 -31.29 -1.09 25.20
N LEU A 213 -30.58 -1.85 26.02
CA LEU A 213 -30.72 -1.75 27.45
C LEU A 213 -30.53 -0.29 27.88
N ASP A 214 -29.34 0.25 27.63
CA ASP A 214 -29.00 1.63 27.97
C ASP A 214 -29.84 2.69 27.30
N THR A 215 -30.20 2.44 26.06
CA THR A 215 -30.98 3.39 25.30
C THR A 215 -32.43 3.43 25.77
N GLY A 216 -32.85 2.39 26.47
CA GLY A 216 -34.22 2.33 26.94
C GLY A 216 -35.15 1.84 25.85
N LEU A 217 -34.68 0.94 24.99
CA LEU A 217 -35.49 0.42 23.89
C LEU A 217 -35.79 -1.07 23.98
N SER A 218 -35.31 -1.70 25.05
CA SER A 218 -35.52 -3.12 25.26
C SER A 218 -37.00 -3.51 25.17
N GLY A 219 -37.87 -2.55 25.42
CA GLY A 219 -39.29 -2.85 25.34
C GLY A 219 -39.76 -3.08 23.91
N ARG A 220 -39.07 -2.48 22.95
CA ARG A 220 -39.44 -2.61 21.53
C ARG A 220 -38.41 -3.32 20.65
N ALA A 221 -37.16 -3.33 21.10
CA ALA A 221 -36.07 -3.92 20.35
C ALA A 221 -35.46 -5.13 21.03
N GLN A 222 -35.29 -6.21 20.28
CA GLN A 222 -34.68 -7.42 20.80
C GLN A 222 -33.58 -7.95 19.87
N VAL A 223 -32.66 -8.74 20.42
CA VAL A 223 -31.61 -9.29 19.58
C VAL A 223 -31.80 -10.80 19.54
N VAL A 224 -31.27 -11.43 18.50
CA VAL A 224 -31.35 -12.87 18.38
C VAL A 224 -30.02 -13.29 17.78
N VAL A 225 -29.29 -14.13 18.50
CA VAL A 225 -28.00 -14.60 18.03
C VAL A 225 -28.18 -15.72 17.01
N GLY A 226 -27.67 -15.52 15.80
CA GLY A 226 -27.79 -16.54 14.78
C GLY A 226 -27.22 -16.16 13.43
N SER A 227 -27.01 -17.16 12.58
CA SER A 227 -26.47 -16.93 11.25
C SER A 227 -27.63 -16.67 10.28
N PHE A 228 -27.49 -15.68 9.39
CA PHE A 228 -28.57 -15.40 8.45
C PHE A 228 -28.56 -16.40 7.29
N PHE A 229 -27.81 -17.48 7.45
CA PHE A 229 -27.79 -18.53 6.45
C PHE A 229 -28.81 -19.59 6.88
N ASP A 230 -29.16 -19.59 8.16
CA ASP A 230 -30.16 -20.49 8.73
C ASP A 230 -31.48 -19.73 8.76
N PRO A 231 -32.59 -20.41 9.10
CA PRO A 231 -33.89 -19.73 9.14
C PRO A 231 -33.91 -18.55 10.10
N LEU A 232 -34.64 -17.52 9.71
CA LEU A 232 -34.72 -16.29 10.48
C LEU A 232 -36.06 -16.23 11.21
N PRO A 233 -36.18 -15.32 12.20
CA PRO A 233 -37.45 -15.19 12.92
C PRO A 233 -38.47 -14.95 11.80
N ALA A 234 -39.54 -15.75 11.74
CA ALA A 234 -40.51 -15.59 10.66
C ALA A 234 -41.66 -14.60 10.85
N GLY A 235 -42.30 -14.29 9.72
CA GLY A 235 -43.45 -13.39 9.68
C GLY A 235 -43.31 -11.95 10.14
N ALA A 236 -42.22 -11.30 9.78
CA ALA A 236 -42.07 -9.91 10.20
C ALA A 236 -42.60 -9.03 9.08
N GLY A 237 -42.85 -7.76 9.39
CA GLY A 237 -43.35 -6.83 8.40
C GLY A 237 -42.27 -6.48 7.37
N GLY A 238 -41.03 -6.48 7.82
CA GLY A 238 -39.92 -6.17 6.95
C GLY A 238 -38.60 -6.70 7.45
N TYR A 239 -37.76 -7.13 6.51
CA TYR A 239 -36.44 -7.63 6.79
C TYR A 239 -35.44 -6.71 6.12
N VAL A 240 -34.51 -6.17 6.89
CA VAL A 240 -33.53 -5.27 6.36
C VAL A 240 -32.18 -5.95 6.22
N LEU A 241 -31.52 -5.68 5.10
CA LEU A 241 -30.18 -6.21 4.83
C LEU A 241 -29.37 -4.96 4.56
N SER A 242 -28.78 -4.43 5.62
CA SER A 242 -28.00 -3.20 5.53
C SER A 242 -26.49 -3.43 5.42
N ALA A 243 -25.96 -3.18 4.22
CA ALA A 243 -24.52 -3.34 3.95
C ALA A 243 -24.08 -4.76 4.25
N VAL A 244 -24.88 -5.72 3.79
CA VAL A 244 -24.61 -7.14 3.98
C VAL A 244 -24.29 -7.83 2.67
N LEU A 245 -25.20 -7.73 1.71
CA LEU A 245 -25.02 -8.40 0.43
C LEU A 245 -23.69 -8.16 -0.23
N HIS A 246 -23.17 -6.93 -0.17
CA HIS A 246 -21.89 -6.70 -0.84
C HIS A 246 -20.71 -7.42 -0.16
N ASP A 247 -20.95 -8.02 1.00
CA ASP A 247 -19.88 -8.75 1.68
C ASP A 247 -19.81 -10.19 1.18
N TRP A 248 -20.75 -10.59 0.33
CA TRP A 248 -20.81 -11.96 -0.15
C TRP A 248 -20.85 -12.14 -1.66
N ASP A 249 -20.33 -13.28 -2.13
CA ASP A 249 -20.36 -13.58 -3.56
C ASP A 249 -21.82 -13.90 -3.94
N ASP A 250 -22.07 -14.13 -5.23
CA ASP A 250 -23.42 -14.40 -5.71
C ASP A 250 -24.15 -15.58 -5.09
N LEU A 251 -23.45 -16.69 -4.86
CA LEU A 251 -24.11 -17.85 -4.27
C LEU A 251 -24.62 -17.56 -2.86
N SER A 252 -23.73 -17.05 -2.00
CA SER A 252 -24.08 -16.72 -0.63
C SER A 252 -25.15 -15.65 -0.58
N ALA A 253 -25.03 -14.66 -1.45
CA ALA A 253 -26.00 -13.58 -1.48
C ALA A 253 -27.42 -14.07 -1.68
N VAL A 254 -27.64 -15.01 -2.61
CA VAL A 254 -28.98 -15.53 -2.83
C VAL A 254 -29.38 -16.37 -1.62
N ALA A 255 -28.42 -17.07 -1.04
CA ALA A 255 -28.66 -17.88 0.14
C ALA A 255 -29.31 -16.97 1.18
N ILE A 256 -28.62 -15.86 1.49
CA ILE A 256 -29.11 -14.88 2.45
C ILE A 256 -30.46 -14.30 2.01
N LEU A 257 -30.56 -13.86 0.76
CA LEU A 257 -31.82 -13.28 0.28
C LEU A 257 -32.96 -14.28 0.37
N ARG A 258 -32.67 -15.53 0.00
CA ARG A 258 -33.64 -16.60 0.03
C ARG A 258 -34.24 -16.73 1.44
N ARG A 259 -33.38 -16.83 2.45
CA ARG A 259 -33.85 -16.93 3.83
C ARG A 259 -34.82 -15.81 4.14
N CYS A 260 -34.45 -14.59 3.75
CA CYS A 260 -35.30 -13.43 4.00
C CYS A 260 -36.63 -13.61 3.28
N ALA A 261 -36.60 -14.23 2.10
CA ALA A 261 -37.83 -14.45 1.34
C ALA A 261 -38.74 -15.33 2.17
N GLU A 262 -38.18 -16.45 2.64
CA GLU A 262 -38.91 -17.40 3.47
C GLU A 262 -39.53 -16.73 4.68
N ALA A 263 -38.73 -16.02 5.46
CA ALA A 263 -39.24 -15.36 6.66
C ALA A 263 -40.24 -14.27 6.31
N ALA A 264 -40.06 -13.62 5.17
CA ALA A 264 -40.94 -12.53 4.76
C ALA A 264 -42.32 -13.03 4.37
N GLY A 265 -42.37 -14.16 3.70
CA GLY A 265 -43.63 -14.72 3.27
C GLY A 265 -44.29 -13.87 2.20
N SER A 266 -45.48 -14.27 1.77
CA SER A 266 -46.21 -13.54 0.75
C SER A 266 -46.81 -12.26 1.31
N GLY A 267 -46.36 -11.82 2.49
CA GLY A 267 -46.91 -10.61 3.07
C GLY A 267 -45.89 -9.67 3.68
N GLY A 268 -44.60 -9.98 3.50
CA GLY A 268 -43.57 -9.14 4.06
C GLY A 268 -42.74 -8.44 3.00
N VAL A 269 -41.80 -7.62 3.45
CA VAL A 269 -40.92 -6.87 2.57
C VAL A 269 -39.43 -7.10 2.88
N VAL A 270 -38.62 -7.20 1.83
CA VAL A 270 -37.19 -7.36 2.02
C VAL A 270 -36.53 -6.07 1.52
N LEU A 271 -35.84 -5.38 2.41
CA LEU A 271 -35.18 -4.12 2.08
C LEU A 271 -33.67 -4.20 2.06
N VAL A 272 -33.08 -4.19 0.87
CA VAL A 272 -31.62 -4.22 0.75
C VAL A 272 -31.16 -2.77 0.80
N ILE A 273 -30.33 -2.43 1.77
CA ILE A 273 -29.84 -1.07 1.89
C ILE A 273 -28.34 -0.99 1.73
N GLU A 274 -27.91 -0.47 0.58
CA GLU A 274 -26.48 -0.32 0.34
C GLU A 274 -26.15 0.57 -0.85
N ALA A 275 -24.90 0.99 -0.93
CA ALA A 275 -24.44 1.84 -2.01
C ALA A 275 -24.43 1.03 -3.30
N VAL A 276 -25.39 1.33 -4.16
CA VAL A 276 -25.51 0.66 -5.45
C VAL A 276 -24.53 1.32 -6.44
N ALA A 277 -24.02 0.54 -7.39
CA ALA A 277 -23.10 1.07 -8.38
C ALA A 277 -23.76 2.30 -8.98
N GLY A 278 -23.18 3.47 -8.71
CA GLY A 278 -23.74 4.71 -9.20
C GLY A 278 -23.72 5.74 -8.09
N ASP A 279 -24.12 5.31 -6.88
CA ASP A 279 -24.14 6.20 -5.71
C ASP A 279 -22.77 6.85 -5.55
N GLU A 280 -22.71 7.96 -4.82
CA GLU A 280 -21.45 8.66 -4.62
C GLU A 280 -20.57 8.06 -3.52
N HIS A 281 -21.12 7.10 -2.76
CA HIS A 281 -20.35 6.42 -1.73
C HIS A 281 -20.13 4.96 -2.14
N ALA A 282 -20.22 4.73 -3.45
CA ALA A 282 -20.05 3.42 -4.06
C ALA A 282 -19.13 3.51 -5.27
N GLY A 283 -17.83 3.36 -5.05
CA GLY A 283 -16.87 3.44 -6.15
C GLY A 283 -16.13 2.14 -6.44
N THR A 284 -15.35 2.14 -7.51
CA THR A 284 -14.56 0.97 -7.89
C THR A 284 -13.61 0.60 -6.76
N GLY A 285 -13.19 1.62 -5.99
CA GLY A 285 -12.31 1.39 -4.87
C GLY A 285 -12.98 0.47 -3.87
N MET A 286 -14.22 0.79 -3.52
CA MET A 286 -14.97 -0.01 -2.56
C MET A 286 -15.21 -1.41 -3.11
N ASP A 287 -15.48 -1.49 -4.41
CA ASP A 287 -15.71 -2.79 -5.00
C ASP A 287 -14.50 -3.70 -4.85
N LEU A 288 -13.30 -3.15 -4.95
CA LEU A 288 -12.10 -3.96 -4.81
C LEU A 288 -11.85 -4.36 -3.35
N ARG A 289 -12.32 -3.53 -2.42
CA ARG A 289 -12.17 -3.84 -1.01
C ARG A 289 -13.06 -5.06 -0.69
N MET A 290 -14.28 -5.07 -1.21
CA MET A 290 -15.19 -6.19 -0.98
C MET A 290 -14.58 -7.47 -1.54
N LEU A 291 -13.89 -7.34 -2.67
CA LEU A 291 -13.25 -8.48 -3.31
C LEU A 291 -12.08 -8.98 -2.45
N THR A 292 -11.20 -8.08 -2.05
CA THR A 292 -10.06 -8.51 -1.24
C THR A 292 -10.44 -8.98 0.17
N TYR A 293 -11.49 -8.40 0.76
CA TYR A 293 -11.93 -8.79 2.10
C TYR A 293 -12.68 -10.12 2.13
N PHE A 294 -13.76 -10.22 1.38
CA PHE A 294 -14.52 -11.47 1.41
C PHE A 294 -14.92 -12.05 0.09
N GLY A 295 -14.45 -11.46 -1.01
CA GLY A 295 -14.82 -11.98 -2.31
C GLY A 295 -16.21 -11.48 -2.64
N GLY A 296 -16.60 -10.37 -2.01
CA GLY A 296 -17.89 -9.79 -2.27
C GLY A 296 -17.77 -8.82 -3.43
N LYS A 297 -18.82 -8.02 -3.66
CA LYS A 297 -18.80 -7.07 -4.75
C LYS A 297 -19.89 -6.02 -4.65
N GLU A 298 -19.62 -4.83 -5.17
CA GLU A 298 -20.63 -3.80 -5.18
C GLU A 298 -21.52 -4.21 -6.34
N ARG A 299 -22.82 -4.05 -6.21
CA ARG A 299 -23.70 -4.45 -7.30
C ARG A 299 -24.59 -3.35 -7.88
N SER A 300 -24.92 -3.50 -9.15
CA SER A 300 -25.79 -2.56 -9.83
C SER A 300 -27.21 -2.91 -9.44
N LEU A 301 -28.15 -2.02 -9.70
CA LEU A 301 -29.55 -2.27 -9.37
C LEU A 301 -30.02 -3.47 -10.16
N ALA A 302 -29.41 -3.66 -11.32
CA ALA A 302 -29.75 -4.76 -12.20
C ALA A 302 -29.21 -6.08 -11.65
N GLU A 303 -28.00 -6.05 -11.09
CA GLU A 303 -27.39 -7.25 -10.55
C GLU A 303 -28.09 -7.74 -9.29
N LEU A 304 -28.62 -6.82 -8.48
CA LEU A 304 -29.34 -7.21 -7.28
C LEU A 304 -30.62 -7.87 -7.76
N GLY A 305 -31.17 -7.36 -8.86
CA GLY A 305 -32.39 -7.93 -9.41
C GLY A 305 -32.20 -9.40 -9.75
N GLU A 306 -31.09 -9.73 -10.43
CA GLU A 306 -30.82 -11.12 -10.79
C GLU A 306 -30.76 -11.99 -9.55
N LEU A 307 -30.12 -11.48 -8.49
CA LEU A 307 -30.02 -12.21 -7.24
C LEU A 307 -31.42 -12.39 -6.66
N ALA A 308 -32.20 -11.32 -6.61
CA ALA A 308 -33.55 -11.40 -6.09
C ALA A 308 -34.31 -12.49 -6.82
N ALA A 309 -34.24 -12.46 -8.15
CA ALA A 309 -34.93 -13.45 -8.98
C ALA A 309 -34.62 -14.86 -8.49
N GLN A 310 -33.34 -15.18 -8.37
CA GLN A 310 -32.95 -16.51 -7.93
C GLN A 310 -33.41 -16.83 -6.51
N ALA A 311 -34.05 -15.86 -5.85
CA ALA A 311 -34.53 -16.11 -4.50
C ALA A 311 -36.04 -15.86 -4.41
N GLY A 312 -36.69 -15.86 -5.56
CA GLY A 312 -38.13 -15.65 -5.60
C GLY A 312 -38.60 -14.27 -5.21
N LEU A 313 -37.72 -13.29 -5.29
CA LEU A 313 -38.07 -11.92 -4.94
C LEU A 313 -38.00 -11.04 -6.18
N ALA A 314 -38.62 -9.87 -6.11
CA ALA A 314 -38.63 -8.94 -7.22
C ALA A 314 -38.56 -7.50 -6.73
N VAL A 315 -37.66 -6.72 -7.33
CA VAL A 315 -37.53 -5.33 -6.92
C VAL A 315 -38.81 -4.59 -7.26
N ARG A 316 -39.27 -3.75 -6.36
CA ARG A 316 -40.50 -2.99 -6.59
C ARG A 316 -40.22 -1.51 -6.50
N ALA A 317 -39.16 -1.15 -5.77
CA ALA A 317 -38.79 0.25 -5.59
C ALA A 317 -37.30 0.37 -5.39
N ALA A 318 -36.81 1.60 -5.38
CA ALA A 318 -35.38 1.87 -5.17
C ALA A 318 -35.22 3.37 -4.88
N HIS A 319 -35.41 3.74 -3.62
CA HIS A 319 -35.32 5.13 -3.23
C HIS A 319 -33.88 5.46 -2.83
N PRO A 320 -33.31 6.54 -3.39
CA PRO A 320 -31.93 6.89 -3.02
C PRO A 320 -31.96 7.67 -1.70
N ILE A 321 -31.19 7.20 -0.73
CA ILE A 321 -31.14 7.85 0.57
C ILE A 321 -29.75 8.39 0.77
N SER A 322 -29.57 9.67 0.49
CA SER A 322 -28.25 10.29 0.64
C SER A 322 -27.24 9.60 -0.27
N TYR A 323 -26.22 8.99 0.34
CA TYR A 323 -25.16 8.34 -0.42
C TYR A 323 -25.41 6.89 -0.83
N VAL A 324 -26.50 6.30 -0.37
CA VAL A 324 -26.84 4.91 -0.67
C VAL A 324 -28.26 4.79 -1.20
N SER A 325 -28.76 3.57 -1.28
CA SER A 325 -30.11 3.36 -1.77
C SER A 325 -30.84 2.29 -0.99
N ILE A 326 -32.16 2.31 -1.04
CA ILE A 326 -32.97 1.31 -0.35
C ILE A 326 -33.75 0.62 -1.45
N VAL A 327 -33.41 -0.62 -1.77
CA VAL A 327 -34.19 -1.28 -2.80
C VAL A 327 -35.13 -2.20 -2.05
N GLU A 328 -36.42 -2.09 -2.40
CA GLU A 328 -37.47 -2.86 -1.77
C GLU A 328 -37.88 -4.04 -2.65
N MET A 329 -37.78 -5.23 -2.09
CA MET A 329 -38.14 -6.45 -2.80
C MET A 329 -39.29 -7.14 -2.07
N THR A 330 -40.18 -7.78 -2.82
CA THR A 330 -41.30 -8.50 -2.23
C THR A 330 -41.44 -9.82 -2.96
N ALA A 331 -42.31 -10.68 -2.43
CA ALA A 331 -42.55 -12.00 -3.01
C ALA A 331 -42.84 -11.88 -4.50
N LEU A 332 -42.15 -12.71 -5.28
CA LEU A 332 -42.29 -12.71 -6.74
C LEU A 332 -43.74 -12.90 -7.20
N ALA B 5 1.19 17.29 -1.76
CA ALA B 5 0.53 18.09 -0.69
C ALA B 5 -0.89 17.56 -0.42
N ALA B 6 -1.54 18.10 0.61
CA ALA B 6 -2.90 17.71 0.96
C ALA B 6 -3.92 18.48 0.12
N HIS B 7 -4.16 17.95 -1.09
CA HIS B 7 -5.13 18.48 -2.04
C HIS B 7 -6.21 17.41 -2.08
N ILE B 8 -5.95 16.34 -1.34
CA ILE B 8 -6.86 15.19 -1.25
C ILE B 8 -7.08 14.74 0.19
N GLY B 9 -8.27 14.20 0.45
CA GLY B 9 -8.64 13.73 1.78
C GLY B 9 -7.64 12.82 2.47
N LEU B 10 -7.71 12.77 3.79
CA LEU B 10 -6.81 11.94 4.56
C LEU B 10 -6.95 10.47 4.21
N ARG B 11 -8.18 9.98 4.14
CA ARG B 11 -8.35 8.56 3.83
C ARG B 11 -7.91 8.23 2.42
N ALA B 12 -8.10 9.16 1.49
CA ALA B 12 -7.69 8.95 0.10
C ALA B 12 -6.17 8.92 0.08
N LEU B 13 -5.59 9.74 0.94
CA LEU B 13 -4.16 9.85 1.07
C LEU B 13 -3.61 8.51 1.58
N ALA B 14 -4.45 7.74 2.27
CA ALA B 14 -4.04 6.45 2.83
C ALA B 14 -4.51 5.27 2.00
N ASP B 15 -5.03 5.56 0.81
CA ASP B 15 -5.55 4.52 -0.09
C ASP B 15 -4.51 3.51 -0.54
N LEU B 16 -4.85 2.23 -0.44
CA LEU B 16 -3.94 1.18 -0.87
C LEU B 16 -4.50 0.50 -2.11
N ALA B 17 -5.80 0.62 -2.31
CA ALA B 17 -6.46 0.00 -3.45
C ALA B 17 -5.83 0.35 -4.78
N THR B 18 -5.58 1.64 -5.00
CA THR B 18 -5.02 2.08 -6.26
C THR B 18 -3.53 1.73 -6.40
N PRO B 19 -2.71 2.04 -5.38
CA PRO B 19 -1.29 1.70 -5.54
C PRO B 19 -1.15 0.22 -5.89
N MET B 20 -1.91 -0.64 -5.21
CA MET B 20 -1.86 -2.07 -5.48
C MET B 20 -2.44 -2.42 -6.84
N ALA B 21 -3.51 -1.73 -7.23
CA ALA B 21 -4.14 -1.99 -8.52
C ALA B 21 -3.16 -1.69 -9.65
N VAL B 22 -2.39 -0.63 -9.51
CA VAL B 22 -1.42 -0.29 -10.55
C VAL B 22 -0.33 -1.36 -10.56
N ARG B 23 0.18 -1.71 -9.38
CA ARG B 23 1.22 -2.72 -9.29
C ARG B 23 0.75 -4.06 -9.85
N VAL B 24 -0.52 -4.41 -9.61
CA VAL B 24 -1.03 -5.67 -10.13
C VAL B 24 -1.15 -5.59 -11.67
N ALA B 25 -1.61 -4.45 -12.18
CA ALA B 25 -1.73 -4.30 -13.63
C ALA B 25 -0.33 -4.41 -14.22
N ALA B 26 0.65 -3.81 -13.56
CA ALA B 26 2.02 -3.88 -14.03
C ALA B 26 2.52 -5.31 -14.03
N THR B 27 2.14 -6.08 -13.02
CA THR B 27 2.59 -7.45 -12.94
C THR B 27 1.89 -8.35 -13.97
N LEU B 28 0.61 -8.08 -14.24
CA LEU B 28 -0.13 -8.87 -15.21
C LEU B 28 0.11 -8.37 -16.65
N ARG B 29 0.88 -7.29 -16.78
CA ARG B 29 1.21 -6.77 -18.09
C ARG B 29 -0.03 -6.47 -18.94
N VAL B 30 -1.10 -6.09 -18.26
CA VAL B 30 -2.37 -5.75 -18.90
C VAL B 30 -2.19 -4.83 -20.11
N ALA B 31 -1.41 -3.75 -19.94
CA ALA B 31 -1.19 -2.79 -21.02
C ALA B 31 -0.61 -3.45 -22.27
N ASP B 32 0.36 -4.34 -22.08
CA ASP B 32 1.00 -5.02 -23.21
C ASP B 32 0.00 -5.94 -23.90
N HIS B 33 -0.89 -6.54 -23.13
CA HIS B 33 -1.88 -7.43 -23.72
C HIS B 33 -2.87 -6.60 -24.54
N ILE B 34 -3.19 -5.41 -24.06
CA ILE B 34 -4.13 -4.52 -24.75
C ILE B 34 -3.53 -4.01 -26.07
N ALA B 35 -2.34 -3.43 -25.99
CA ALA B 35 -1.68 -2.90 -27.18
C ALA B 35 -1.40 -4.03 -28.19
N ALA B 36 -1.51 -5.28 -27.75
CA ALA B 36 -1.28 -6.41 -28.62
C ALA B 36 -2.57 -7.04 -29.14
N GLY B 37 -3.68 -6.30 -29.11
CA GLY B 37 -4.93 -6.83 -29.60
C GLY B 37 -5.98 -7.38 -28.64
N HIS B 38 -5.58 -7.75 -27.42
CA HIS B 38 -6.53 -8.26 -26.43
C HIS B 38 -7.08 -7.05 -25.73
N ARG B 39 -8.32 -6.69 -26.04
CA ARG B 39 -8.90 -5.49 -25.45
C ARG B 39 -10.16 -5.71 -24.62
N THR B 40 -10.49 -6.98 -24.37
CA THR B 40 -11.67 -7.35 -23.61
C THR B 40 -11.30 -8.11 -22.35
N ALA B 41 -12.01 -7.84 -21.26
CA ALA B 41 -11.76 -8.50 -19.99
C ALA B 41 -11.44 -9.99 -20.19
N ALA B 42 -12.33 -10.68 -20.90
CA ALA B 42 -12.13 -12.10 -21.15
C ALA B 42 -10.80 -12.35 -21.88
N GLU B 43 -10.52 -11.53 -22.88
CA GLU B 43 -9.28 -11.66 -23.65
C GLU B 43 -8.06 -11.37 -22.79
N ILE B 44 -7.98 -10.17 -22.23
CA ILE B 44 -6.85 -9.78 -21.40
C ILE B 44 -6.62 -10.79 -20.27
N ALA B 45 -7.69 -11.17 -19.60
CA ALA B 45 -7.59 -12.14 -18.51
C ALA B 45 -6.96 -13.43 -19.00
N SER B 46 -7.50 -13.98 -20.09
CA SER B 46 -7.01 -15.23 -20.64
C SER B 46 -5.55 -15.15 -21.04
N ALA B 47 -5.16 -14.01 -21.60
CA ALA B 47 -3.78 -13.80 -22.03
C ALA B 47 -2.83 -13.64 -20.86
N ALA B 48 -3.35 -13.24 -19.70
CA ALA B 48 -2.52 -13.03 -18.53
C ALA B 48 -2.76 -14.07 -17.44
N GLY B 49 -3.76 -14.92 -17.63
CA GLY B 49 -4.05 -15.95 -16.65
C GLY B 49 -4.70 -15.41 -15.39
N ALA B 50 -5.65 -14.49 -15.56
CA ALA B 50 -6.35 -13.90 -14.44
C ALA B 50 -7.79 -14.39 -14.46
N HIS B 51 -8.55 -14.04 -13.42
CA HIS B 51 -9.97 -14.38 -13.32
C HIS B 51 -10.66 -13.30 -14.13
N ALA B 52 -11.40 -13.69 -15.15
CA ALA B 52 -12.10 -12.72 -16.01
C ALA B 52 -12.82 -11.63 -15.22
N ASP B 53 -13.73 -12.05 -14.33
CA ASP B 53 -14.51 -11.12 -13.50
C ASP B 53 -13.67 -10.18 -12.65
N SER B 54 -12.71 -10.77 -11.94
CA SER B 54 -11.84 -10.02 -11.07
C SER B 54 -11.00 -9.01 -11.87
N LEU B 55 -10.43 -9.46 -12.98
CA LEU B 55 -9.62 -8.57 -13.82
C LEU B 55 -10.47 -7.43 -14.33
N ASP B 56 -11.69 -7.74 -14.78
CA ASP B 56 -12.56 -6.69 -15.27
C ASP B 56 -12.77 -5.63 -14.18
N ARG B 57 -12.96 -6.09 -12.95
CA ARG B 57 -13.18 -5.18 -11.83
C ARG B 57 -11.94 -4.32 -11.56
N LEU B 58 -10.75 -4.89 -11.78
CA LEU B 58 -9.49 -4.17 -11.59
C LEU B 58 -9.36 -3.09 -12.66
N LEU B 59 -9.65 -3.47 -13.90
CA LEU B 59 -9.56 -2.53 -15.01
C LEU B 59 -10.52 -1.35 -14.86
N ARG B 60 -11.76 -1.63 -14.48
CA ARG B 60 -12.73 -0.55 -14.28
C ARG B 60 -12.21 0.46 -13.27
N HIS B 61 -11.58 -0.03 -12.20
CA HIS B 61 -11.03 0.88 -11.20
C HIS B 61 -9.89 1.66 -11.81
N LEU B 62 -9.14 1.02 -12.71
CA LEU B 62 -8.03 1.70 -13.35
C LEU B 62 -8.43 2.68 -14.49
N VAL B 63 -9.60 2.51 -15.10
CA VAL B 63 -9.99 3.48 -16.12
C VAL B 63 -10.42 4.73 -15.33
N ALA B 64 -10.95 4.50 -14.14
CA ALA B 64 -11.37 5.58 -13.27
C ALA B 64 -10.16 6.41 -12.85
N VAL B 65 -9.04 5.73 -12.61
CA VAL B 65 -7.82 6.41 -12.20
C VAL B 65 -7.25 7.24 -13.35
N GLY B 66 -7.50 6.77 -14.57
CA GLY B 66 -7.01 7.47 -15.74
C GLY B 66 -5.92 6.76 -16.52
N LEU B 67 -5.85 5.43 -16.39
CA LEU B 67 -4.82 4.70 -17.12
C LEU B 67 -5.39 3.98 -18.32
N PHE B 68 -6.66 3.60 -18.24
CA PHE B 68 -7.29 2.89 -19.33
C PHE B 68 -8.60 3.56 -19.74
N THR B 69 -9.20 3.06 -20.80
CA THR B 69 -10.45 3.56 -21.32
C THR B 69 -11.29 2.34 -21.65
N ARG B 70 -12.60 2.50 -21.73
CA ARG B 70 -13.47 1.39 -22.04
C ARG B 70 -14.73 1.88 -22.73
N ASP B 71 -15.08 1.24 -23.84
CA ASP B 71 -16.27 1.64 -24.60
C ASP B 71 -17.48 0.82 -24.17
N GLY B 72 -18.66 1.25 -24.63
CA GLY B 72 -19.88 0.55 -24.28
C GLY B 72 -19.85 -0.96 -24.47
N GLN B 73 -19.05 -1.42 -25.43
CA GLN B 73 -18.94 -2.86 -25.70
C GLN B 73 -17.89 -3.56 -24.84
N GLY B 74 -17.27 -2.83 -23.94
CA GLY B 74 -16.27 -3.41 -23.05
C GLY B 74 -14.87 -3.54 -23.64
N VAL B 75 -14.60 -2.81 -24.71
CA VAL B 75 -13.28 -2.85 -25.32
C VAL B 75 -12.38 -1.87 -24.58
N TYR B 76 -11.27 -2.39 -24.05
CA TYR B 76 -10.34 -1.57 -23.29
C TYR B 76 -9.26 -0.97 -24.17
N GLY B 77 -8.81 0.21 -23.77
CA GLY B 77 -7.75 0.90 -24.50
C GLY B 77 -6.89 1.71 -23.56
N LEU B 78 -5.61 1.86 -23.87
CA LEU B 78 -4.69 2.62 -23.03
C LEU B 78 -4.98 4.11 -23.17
N THR B 79 -4.23 4.93 -22.45
CA THR B 79 -4.40 6.38 -22.53
C THR B 79 -3.02 7.02 -22.57
N GLU B 80 -3.00 8.33 -22.76
CA GLU B 80 -1.74 9.07 -22.84
C GLU B 80 -0.85 8.71 -21.65
N PHE B 81 -1.49 8.37 -20.53
CA PHE B 81 -0.77 8.04 -19.31
C PHE B 81 -0.58 6.54 -19.12
N GLY B 82 -1.62 5.77 -19.47
CA GLY B 82 -1.53 4.33 -19.32
C GLY B 82 -0.53 3.71 -20.26
N GLU B 83 0.00 4.52 -21.16
CA GLU B 83 0.97 4.06 -22.14
C GLU B 83 2.26 3.65 -21.44
N GLN B 84 2.56 4.33 -20.33
CA GLN B 84 3.77 4.06 -19.55
C GLN B 84 3.75 2.72 -18.84
N LEU B 85 2.67 1.95 -18.97
CA LEU B 85 2.59 0.66 -18.32
C LEU B 85 3.11 -0.45 -19.20
N ARG B 86 3.24 -0.15 -20.49
CA ARG B 86 3.74 -1.13 -21.45
C ARG B 86 5.22 -1.30 -21.21
N ASP B 87 5.71 -2.52 -21.40
CA ASP B 87 7.13 -2.78 -21.17
C ASP B 87 8.01 -2.03 -22.17
N ASP B 88 7.57 -1.99 -23.42
CA ASP B 88 8.32 -1.32 -24.48
C ASP B 88 8.42 0.20 -24.33
N HIS B 89 7.70 0.76 -23.36
CA HIS B 89 7.74 2.21 -23.16
C HIS B 89 9.15 2.69 -22.82
N ALA B 90 9.47 3.90 -23.27
CA ALA B 90 10.77 4.51 -23.05
C ALA B 90 11.21 4.65 -21.60
N ALA B 91 10.31 5.17 -20.76
CA ALA B 91 10.58 5.39 -19.35
C ALA B 91 11.03 4.14 -18.58
N GLY B 92 10.68 2.96 -19.08
CA GLY B 92 11.06 1.71 -18.45
C GLY B 92 10.54 1.54 -17.03
N LYS B 93 9.40 2.17 -16.75
CA LYS B 93 8.76 2.16 -15.43
C LYS B 93 8.13 0.83 -14.98
N ARG B 94 7.43 0.17 -15.88
CA ARG B 94 6.77 -1.08 -15.53
C ARG B 94 7.61 -2.06 -14.71
N LYS B 95 8.84 -2.34 -15.13
CA LYS B 95 9.64 -3.30 -14.39
C LYS B 95 9.85 -2.94 -12.92
N TRP B 96 9.79 -1.66 -12.58
CA TRP B 96 9.96 -1.27 -11.18
C TRP B 96 8.75 -1.60 -10.33
N LEU B 97 7.59 -1.69 -10.97
CA LEU B 97 6.36 -2.00 -10.26
C LEU B 97 6.04 -3.48 -10.22
N ASP B 98 6.59 -4.24 -11.16
CA ASP B 98 6.34 -5.68 -11.25
C ASP B 98 6.59 -6.42 -9.93
N MET B 99 5.55 -7.03 -9.38
CA MET B 99 5.70 -7.75 -8.12
C MET B 99 6.72 -8.89 -8.18
N ASN B 100 7.21 -9.18 -9.38
CA ASN B 100 8.20 -10.23 -9.53
C ASN B 100 9.61 -9.71 -9.46
N SER B 101 9.83 -8.47 -9.88
CA SER B 101 11.16 -7.88 -9.82
C SER B 101 11.52 -7.67 -8.34
N ALA B 102 12.79 -7.43 -8.06
CA ALA B 102 13.22 -7.24 -6.67
C ALA B 102 12.68 -5.98 -5.98
N VAL B 103 12.45 -4.92 -6.73
CA VAL B 103 11.94 -3.70 -6.13
C VAL B 103 10.40 -3.69 -6.07
N GLY B 104 9.76 -4.45 -6.94
CA GLY B 104 8.31 -4.52 -6.94
C GLY B 104 7.89 -5.42 -5.79
N ARG B 105 8.77 -6.34 -5.45
CA ARG B 105 8.54 -7.29 -4.35
C ARG B 105 8.94 -6.62 -3.02
N GLY B 106 10.08 -5.94 -3.02
CA GLY B 106 10.56 -5.26 -1.82
C GLY B 106 9.63 -4.18 -1.30
N ASP B 107 9.06 -3.38 -2.20
CA ASP B 107 8.15 -2.31 -1.82
C ASP B 107 6.93 -2.81 -1.01
N LEU B 108 6.47 -4.01 -1.32
CA LEU B 108 5.32 -4.56 -0.59
C LEU B 108 5.71 -4.70 0.87
N GLY B 109 7.01 -4.55 1.16
CA GLY B 109 7.47 -4.64 2.52
C GLY B 109 6.97 -3.45 3.32
N PHE B 110 6.50 -2.42 2.65
CA PHE B 110 5.99 -1.25 3.36
C PHE B 110 4.80 -1.60 4.25
N VAL B 111 4.06 -2.68 3.95
CA VAL B 111 2.92 -3.01 4.79
C VAL B 111 3.37 -3.33 6.21
N GLU B 112 4.68 -3.41 6.43
CA GLU B 112 5.19 -3.68 7.76
C GLU B 112 5.97 -2.47 8.28
N LEU B 113 5.72 -1.31 7.69
CA LEU B 113 6.41 -0.08 8.10
C LEU B 113 6.35 0.10 9.61
N ALA B 114 5.19 -0.15 10.20
CA ALA B 114 5.02 0.02 11.65
C ALA B 114 6.17 -0.65 12.41
N HIS B 115 6.54 -1.87 11.99
CA HIS B 115 7.62 -2.56 12.66
C HIS B 115 8.90 -1.75 12.65
N SER B 116 9.16 -1.09 11.53
CA SER B 116 10.38 -0.30 11.42
C SER B 116 10.32 0.97 12.24
N ILE B 117 9.14 1.59 12.28
CA ILE B 117 9.02 2.83 13.02
C ILE B 117 9.11 2.58 14.51
N ARG B 118 8.65 1.41 14.94
CA ARG B 118 8.70 1.06 16.35
C ARG B 118 10.08 0.60 16.80
N THR B 119 10.74 -0.21 15.97
CA THR B 119 12.03 -0.78 16.35
C THR B 119 13.30 -0.28 15.69
N GLY B 120 13.17 0.49 14.60
CA GLY B 120 14.35 0.96 13.92
C GLY B 120 14.91 -0.14 13.03
N GLN B 121 14.33 -1.33 13.11
CA GLN B 121 14.77 -2.47 12.31
C GLN B 121 14.06 -2.51 10.94
N PRO B 122 14.64 -3.23 9.97
CA PRO B 122 14.05 -3.33 8.62
C PRO B 122 12.76 -4.11 8.60
N ALA B 123 11.86 -3.72 7.70
CA ALA B 123 10.56 -4.37 7.57
C ALA B 123 10.56 -5.54 6.61
N TYR B 124 11.44 -5.50 5.61
CA TYR B 124 11.51 -6.56 4.61
C TYR B 124 11.47 -7.95 5.24
N PRO B 125 12.29 -8.19 6.27
CA PRO B 125 12.32 -9.51 6.92
C PRO B 125 10.97 -9.91 7.50
N VAL B 126 10.29 -8.98 8.17
CA VAL B 126 8.99 -9.26 8.76
C VAL B 126 8.07 -9.89 7.71
N ARG B 127 8.09 -9.34 6.50
CA ARG B 127 7.26 -9.88 5.44
C ARG B 127 7.81 -11.13 4.76
N TYR B 128 9.12 -11.19 4.57
CA TYR B 128 9.70 -12.34 3.85
C TYR B 128 10.57 -13.34 4.62
N GLY B 129 10.61 -13.21 5.95
CA GLY B 129 11.37 -14.13 6.76
C GLY B 129 12.87 -14.17 6.55
N THR B 130 13.41 -13.20 5.83
CA THR B 130 14.85 -13.18 5.61
C THR B 130 15.25 -11.82 5.08
N SER B 131 16.52 -11.46 5.18
CA SER B 131 16.95 -10.15 4.70
C SER B 131 16.87 -10.05 3.18
N PHE B 132 16.98 -8.83 2.68
CA PHE B 132 16.93 -8.59 1.25
C PHE B 132 18.07 -9.32 0.54
N TRP B 133 19.29 -9.12 1.03
CA TRP B 133 20.47 -9.73 0.43
C TRP B 133 20.42 -11.25 0.55
N GLU B 134 20.01 -11.74 1.70
CA GLU B 134 19.89 -13.17 1.91
C GLU B 134 18.93 -13.72 0.84
N ASP B 135 17.84 -13.00 0.62
CA ASP B 135 16.83 -13.41 -0.35
C ASP B 135 17.39 -13.48 -1.78
N LEU B 136 18.07 -12.42 -2.21
CA LEU B 136 18.65 -12.35 -3.55
C LEU B 136 19.75 -13.40 -3.73
N GLY B 137 20.51 -13.65 -2.67
CA GLY B 137 21.57 -14.63 -2.73
C GLY B 137 21.10 -16.06 -2.83
N SER B 138 19.82 -16.32 -2.52
CA SER B 138 19.31 -17.68 -2.60
C SER B 138 18.30 -17.83 -3.75
N ASP B 139 18.21 -16.80 -4.56
CA ASP B 139 17.30 -16.81 -5.70
C ASP B 139 17.95 -15.99 -6.82
N PRO B 140 18.73 -16.66 -7.69
CA PRO B 140 19.44 -16.03 -8.81
C PRO B 140 18.58 -15.21 -9.78
N VAL B 141 17.36 -15.65 -10.05
CA VAL B 141 16.49 -14.91 -10.95
C VAL B 141 16.10 -13.56 -10.33
N LEU B 142 15.83 -13.59 -9.02
CA LEU B 142 15.46 -12.40 -8.29
C LEU B 142 16.65 -11.44 -8.31
N SER B 143 17.83 -11.99 -8.01
CA SER B 143 19.04 -11.19 -7.99
C SER B 143 19.32 -10.59 -9.37
N ALA B 144 18.98 -11.32 -10.42
CA ALA B 144 19.20 -10.81 -11.75
C ALA B 144 18.34 -9.57 -12.00
N SER B 145 17.06 -9.64 -11.65
CA SER B 145 16.17 -8.50 -11.84
C SER B 145 16.69 -7.27 -11.07
N PHE B 146 17.21 -7.49 -9.87
CA PHE B 146 17.75 -6.36 -9.13
C PHE B 146 18.92 -5.71 -9.88
N ASP B 147 19.79 -6.52 -10.47
CA ASP B 147 20.94 -6.00 -11.24
C ASP B 147 20.47 -5.13 -12.39
N THR B 148 19.41 -5.58 -13.06
CA THR B 148 18.84 -4.85 -14.17
C THR B 148 18.29 -3.50 -13.74
N LEU B 149 17.59 -3.48 -12.61
CA LEU B 149 17.01 -2.26 -12.10
C LEU B 149 18.11 -1.27 -11.69
N MET B 150 19.14 -1.75 -11.00
CA MET B 150 20.19 -0.83 -10.61
C MET B 150 20.86 -0.33 -11.87
N SER B 151 20.98 -1.21 -12.85
CA SER B 151 21.59 -0.83 -14.12
C SER B 151 20.77 0.33 -14.70
N HIS B 152 19.45 0.17 -14.73
CA HIS B 152 18.58 1.22 -15.25
C HIS B 152 18.66 2.50 -14.39
N HIS B 153 18.87 2.36 -13.08
CA HIS B 153 18.96 3.54 -12.23
C HIS B 153 20.17 4.40 -12.62
N LEU B 154 21.19 3.80 -13.20
CA LEU B 154 22.38 4.53 -13.62
C LEU B 154 22.05 5.50 -14.75
N GLU B 155 21.18 5.03 -15.65
CA GLU B 155 20.76 5.84 -16.79
C GLU B 155 19.86 6.99 -16.30
N LEU B 156 18.94 6.65 -15.40
CA LEU B 156 18.02 7.62 -14.85
C LEU B 156 18.69 8.71 -14.04
N ASP B 157 19.69 8.32 -13.24
CA ASP B 157 20.35 9.27 -12.34
C ASP B 157 21.77 9.74 -12.66
N TYR B 158 22.58 8.87 -13.22
CA TYR B 158 23.99 9.22 -13.47
C TYR B 158 24.34 9.91 -14.78
N THR B 159 23.33 10.22 -15.58
CA THR B 159 23.54 10.88 -16.86
C THR B 159 24.62 11.99 -16.79
N GLY B 160 25.75 11.76 -17.46
CA GLY B 160 26.83 12.72 -17.48
C GLY B 160 28.03 12.41 -16.58
N ILE B 161 27.83 11.50 -15.64
CA ILE B 161 28.85 11.07 -14.67
C ILE B 161 30.27 10.99 -15.25
N ALA B 162 30.37 10.44 -16.45
CA ALA B 162 31.65 10.27 -17.14
C ALA B 162 32.54 11.50 -17.14
N ALA B 163 31.96 12.65 -17.46
CA ALA B 163 32.69 13.91 -17.53
C ALA B 163 32.74 14.76 -16.26
N LYS B 164 31.70 14.72 -15.44
CA LYS B 164 31.69 15.57 -14.26
C LYS B 164 32.83 15.35 -13.26
N TYR B 165 33.61 14.31 -13.43
CA TYR B 165 34.73 14.06 -12.53
C TYR B 165 35.94 13.65 -13.36
N ASP B 166 37.12 13.82 -12.77
CA ASP B 166 38.36 13.47 -13.47
C ASP B 166 38.75 12.02 -13.20
N TRP B 167 38.07 11.11 -13.89
CA TRP B 167 38.28 9.67 -13.73
C TRP B 167 39.64 9.21 -14.26
N ALA B 168 39.92 9.59 -15.50
CA ALA B 168 41.18 9.21 -16.13
C ALA B 168 42.38 9.36 -15.19
N ALA B 169 42.34 10.36 -14.32
CA ALA B 169 43.45 10.59 -13.40
C ALA B 169 43.64 9.50 -12.36
N LEU B 170 42.62 8.68 -12.16
CA LEU B 170 42.71 7.64 -11.16
C LEU B 170 43.53 6.43 -11.59
N GLY B 171 43.60 6.21 -12.90
CA GLY B 171 44.35 5.08 -13.42
C GLY B 171 43.57 3.78 -13.31
N HIS B 172 43.34 3.34 -12.09
CA HIS B 172 42.59 2.13 -11.83
C HIS B 172 41.59 2.35 -10.70
N VAL B 173 40.30 2.18 -10.99
CA VAL B 173 39.28 2.36 -9.97
C VAL B 173 38.63 1.04 -9.62
N VAL B 174 38.28 0.88 -8.34
CA VAL B 174 37.61 -0.32 -7.89
C VAL B 174 36.21 0.10 -7.49
N ASP B 175 35.21 -0.48 -8.14
CA ASP B 175 33.83 -0.15 -7.84
C ASP B 175 33.36 -1.12 -6.76
N VAL B 176 33.42 -0.68 -5.51
CA VAL B 176 32.99 -1.52 -4.39
C VAL B 176 31.47 -1.62 -4.42
N GLY B 177 30.98 -2.82 -4.69
CA GLY B 177 29.55 -3.05 -4.77
C GLY B 177 29.05 -2.64 -6.14
N GLY B 178 29.94 -2.70 -7.14
CA GLY B 178 29.62 -2.31 -8.50
C GLY B 178 28.57 -3.07 -9.29
N GLY B 179 27.81 -3.94 -8.65
CA GLY B 179 26.78 -4.65 -9.39
C GLY B 179 27.21 -5.30 -10.70
N SER B 180 26.35 -5.27 -11.71
CA SER B 180 26.67 -5.89 -12.98
C SER B 180 27.61 -5.06 -13.85
N GLY B 181 28.30 -4.11 -13.23
CA GLY B 181 29.28 -3.31 -13.95
C GLY B 181 28.93 -2.12 -14.84
N GLY B 182 27.66 -1.73 -14.88
CA GLY B 182 27.28 -0.60 -15.72
C GLY B 182 28.10 0.67 -15.49
N LEU B 183 28.28 1.08 -14.24
CA LEU B 183 29.03 2.30 -14.01
C LEU B 183 30.45 2.19 -14.51
N LEU B 184 31.13 1.10 -14.16
CA LEU B 184 32.52 0.93 -14.59
C LEU B 184 32.56 0.86 -16.11
N SER B 185 31.61 0.16 -16.70
CA SER B 185 31.55 0.03 -18.14
C SER B 185 31.42 1.41 -18.79
N ALA B 186 30.73 2.33 -18.12
CA ALA B 186 30.55 3.68 -18.64
C ALA B 186 31.81 4.52 -18.44
N LEU B 187 32.48 4.33 -17.31
CA LEU B 187 33.70 5.07 -17.06
C LEU B 187 34.80 4.69 -18.03
N LEU B 188 35.07 3.39 -18.17
CA LEU B 188 36.11 2.92 -19.08
C LEU B 188 35.82 3.19 -20.55
N THR B 189 34.55 3.19 -20.93
CA THR B 189 34.22 3.46 -22.32
C THR B 189 34.56 4.91 -22.65
N ALA B 190 34.37 5.80 -21.70
CA ALA B 190 34.65 7.20 -21.89
C ALA B 190 36.13 7.55 -21.69
N HIS B 191 36.88 6.69 -20.99
CA HIS B 191 38.30 6.91 -20.75
C HIS B 191 39.11 5.65 -21.10
N GLU B 192 39.61 5.60 -22.33
CA GLU B 192 40.35 4.45 -22.86
C GLU B 192 41.66 3.99 -22.22
N ASP B 193 42.20 4.74 -21.26
CA ASP B 193 43.43 4.36 -20.60
C ASP B 193 43.17 4.01 -19.14
N LEU B 194 41.89 4.04 -18.79
CA LEU B 194 41.48 3.73 -17.44
C LEU B 194 41.16 2.24 -17.33
N SER B 195 41.40 1.68 -16.17
CA SER B 195 41.09 0.27 -15.94
C SER B 195 40.45 0.16 -14.56
N GLY B 196 39.68 -0.90 -14.34
CA GLY B 196 39.03 -1.04 -13.06
C GLY B 196 38.61 -2.45 -12.67
N THR B 197 38.07 -2.55 -11.46
CA THR B 197 37.62 -3.80 -10.90
C THR B 197 36.27 -3.67 -10.21
N VAL B 198 35.33 -4.53 -10.58
CA VAL B 198 34.01 -4.56 -9.95
C VAL B 198 34.09 -5.58 -8.84
N LEU B 199 33.76 -5.18 -7.62
CA LEU B 199 33.76 -6.11 -6.50
C LEU B 199 32.33 -6.24 -6.01
N ASP B 200 31.78 -7.44 -6.08
CA ASP B 200 30.40 -7.64 -5.63
C ASP B 200 30.22 -9.10 -5.25
N LEU B 201 28.99 -9.49 -4.96
CA LEU B 201 28.73 -10.88 -4.60
C LEU B 201 28.68 -11.67 -5.91
N GLN B 202 28.59 -12.99 -5.81
CA GLN B 202 28.56 -13.88 -6.98
C GLN B 202 27.64 -13.45 -8.11
N GLY B 203 26.36 -13.28 -7.80
CA GLY B 203 25.40 -12.89 -8.81
C GLY B 203 25.80 -11.70 -9.68
N PRO B 204 25.88 -10.51 -9.09
CA PRO B 204 26.24 -9.33 -9.87
C PRO B 204 27.62 -9.44 -10.51
N ALA B 205 28.61 -9.89 -9.74
CA ALA B 205 29.98 -10.01 -10.25
C ALA B 205 30.06 -10.83 -11.53
N SER B 206 29.31 -11.92 -11.60
CA SER B 206 29.35 -12.71 -12.82
C SER B 206 28.62 -11.98 -13.93
N ALA B 207 27.62 -11.17 -13.58
CA ALA B 207 26.89 -10.41 -14.57
C ALA B 207 27.83 -9.35 -15.13
N ALA B 208 28.66 -8.78 -14.27
CA ALA B 208 29.61 -7.77 -14.70
C ALA B 208 30.58 -8.42 -15.69
N HIS B 209 31.10 -9.57 -15.29
CA HIS B 209 32.04 -10.33 -16.10
C HIS B 209 31.46 -10.59 -17.49
N ARG B 210 30.24 -11.12 -17.55
CA ARG B 210 29.58 -11.40 -18.81
C ARG B 210 29.47 -10.14 -19.67
N ARG B 211 29.19 -9.02 -19.01
CA ARG B 211 29.04 -7.73 -19.66
C ARG B 211 30.36 -7.33 -20.32
N PHE B 212 31.42 -7.34 -19.52
CA PHE B 212 32.74 -6.98 -20.03
C PHE B 212 33.19 -7.85 -21.20
N LEU B 213 33.00 -9.17 -21.11
CA LEU B 213 33.39 -10.04 -22.21
C LEU B 213 32.72 -9.62 -23.50
N ASP B 214 31.40 -9.48 -23.47
CA ASP B 214 30.65 -9.10 -24.65
C ASP B 214 30.92 -7.71 -25.18
N THR B 215 31.19 -6.76 -24.30
CA THR B 215 31.43 -5.41 -24.77
C THR B 215 32.90 -5.13 -25.04
N GLY B 216 33.70 -6.19 -25.00
CA GLY B 216 35.12 -6.04 -25.27
C GLY B 216 35.91 -5.20 -24.29
N LEU B 217 35.63 -5.34 -23.00
CA LEU B 217 36.35 -4.56 -21.98
C LEU B 217 37.18 -5.43 -21.03
N SER B 218 37.16 -6.74 -21.25
CA SER B 218 37.88 -7.68 -20.39
C SER B 218 39.38 -7.37 -20.30
N GLY B 219 39.91 -6.61 -21.25
CA GLY B 219 41.31 -6.24 -21.19
C GLY B 219 41.57 -5.19 -20.12
N ARG B 220 40.55 -4.39 -19.81
CA ARG B 220 40.71 -3.34 -18.80
C ARG B 220 39.81 -3.53 -17.57
N ALA B 221 38.69 -4.21 -17.77
CA ALA B 221 37.73 -4.44 -16.70
C ALA B 221 37.83 -5.85 -16.15
N GLN B 222 38.02 -5.93 -14.83
CA GLN B 222 38.12 -7.22 -14.16
C GLN B 222 37.08 -7.33 -13.02
N VAL B 223 36.62 -8.54 -12.76
CA VAL B 223 35.63 -8.79 -11.72
C VAL B 223 36.29 -9.53 -10.55
N VAL B 224 35.80 -9.32 -9.34
CA VAL B 224 36.35 -10.01 -8.17
C VAL B 224 35.20 -10.29 -7.22
N VAL B 225 34.88 -11.56 -7.00
CA VAL B 225 33.80 -11.91 -6.08
C VAL B 225 34.24 -11.73 -4.63
N GLY B 226 33.45 -11.04 -3.84
CA GLY B 226 33.82 -10.84 -2.44
C GLY B 226 32.88 -9.89 -1.72
N SER B 227 33.03 -9.84 -0.40
CA SER B 227 32.20 -8.96 0.43
C SER B 227 33.00 -7.70 0.74
N PHE B 228 32.37 -6.53 0.66
CA PHE B 228 33.12 -5.32 0.96
C PHE B 228 33.27 -5.10 2.47
N PHE B 229 33.00 -6.15 3.24
CA PHE B 229 33.17 -6.07 4.68
C PHE B 229 34.55 -6.67 4.98
N ASP B 230 35.08 -7.42 4.01
CA ASP B 230 36.40 -8.03 4.11
C ASP B 230 37.37 -7.16 3.34
N PRO B 231 38.68 -7.43 3.44
CA PRO B 231 39.66 -6.63 2.71
C PRO B 231 39.31 -6.53 1.23
N LEU B 232 39.88 -5.54 0.56
CA LEU B 232 39.60 -5.31 -0.86
C LEU B 232 40.88 -5.24 -1.66
N PRO B 233 40.78 -5.36 -3.00
CA PRO B 233 41.99 -5.28 -3.82
C PRO B 233 42.62 -3.94 -3.44
N ALA B 234 43.86 -3.94 -2.93
CA ALA B 234 44.47 -2.69 -2.50
C ALA B 234 45.24 -1.86 -3.51
N GLY B 235 45.57 -0.64 -3.09
CA GLY B 235 46.34 0.29 -3.89
C GLY B 235 45.75 0.76 -5.21
N ALA B 236 44.46 1.03 -5.23
CA ALA B 236 43.84 1.50 -6.47
C ALA B 236 43.83 3.02 -6.43
N GLY B 237 43.71 3.64 -7.60
CA GLY B 237 43.68 5.08 -7.67
C GLY B 237 42.45 5.62 -6.95
N GLY B 238 41.36 4.89 -7.07
CA GLY B 238 40.12 5.28 -6.43
C GLY B 238 39.17 4.13 -6.23
N TYR B 239 38.42 4.20 -5.13
CA TYR B 239 37.42 3.21 -4.79
C TYR B 239 36.06 3.87 -4.81
N VAL B 240 35.15 3.35 -5.61
CA VAL B 240 33.83 3.92 -5.71
C VAL B 240 32.78 3.13 -4.93
N LEU B 241 31.89 3.87 -4.27
CA LEU B 241 30.78 3.32 -3.50
C LEU B 241 29.54 3.97 -4.08
N SER B 242 29.00 3.36 -5.14
CA SER B 242 27.83 3.87 -5.83
C SER B 242 26.48 3.31 -5.35
N ALA B 243 25.71 4.14 -4.65
CA ALA B 243 24.41 3.74 -4.13
C ALA B 243 24.55 2.51 -3.24
N VAL B 244 25.54 2.53 -2.38
CA VAL B 244 25.78 1.42 -1.47
C VAL B 244 25.55 1.85 -0.02
N LEU B 245 26.19 2.95 0.39
CA LEU B 245 26.07 3.41 1.75
C LEU B 245 24.64 3.59 2.26
N HIS B 246 23.73 4.06 1.43
CA HIS B 246 22.37 4.23 1.93
C HIS B 246 21.63 2.91 2.14
N ASP B 247 22.30 1.79 1.87
CA ASP B 247 21.68 0.50 2.07
C ASP B 247 22.03 -0.02 3.46
N TRP B 248 22.92 0.69 4.15
CA TRP B 248 23.39 0.24 5.46
C TRP B 248 23.22 1.16 6.64
N ASP B 249 23.03 0.60 7.83
CA ASP B 249 22.92 1.41 9.03
C ASP B 249 24.30 2.03 9.28
N ASP B 250 24.39 2.94 10.25
CA ASP B 250 25.65 3.62 10.54
C ASP B 250 26.86 2.73 10.82
N LEU B 251 26.66 1.67 11.59
CA LEU B 251 27.77 0.78 11.91
C LEU B 251 28.38 0.12 10.69
N SER B 252 27.53 -0.54 9.90
CA SER B 252 27.96 -1.23 8.69
C SER B 252 28.56 -0.23 7.71
N ALA B 253 27.91 0.91 7.55
CA ALA B 253 28.43 1.91 6.62
C ALA B 253 29.87 2.25 6.96
N VAL B 254 30.15 2.41 8.26
CA VAL B 254 31.50 2.74 8.70
C VAL B 254 32.43 1.58 8.37
N ALA B 255 31.99 0.36 8.65
CA ALA B 255 32.81 -0.81 8.36
C ALA B 255 33.25 -0.74 6.89
N ILE B 256 32.27 -0.58 6.00
CA ILE B 256 32.52 -0.50 4.57
C ILE B 256 33.49 0.63 4.24
N LEU B 257 33.25 1.82 4.78
CA LEU B 257 34.13 2.95 4.51
C LEU B 257 35.56 2.67 4.98
N ARG B 258 35.70 2.00 6.12
CA ARG B 258 37.02 1.65 6.64
C ARG B 258 37.79 0.84 5.60
N ARG B 259 37.21 -0.27 5.18
CA ARG B 259 37.85 -1.14 4.20
C ARG B 259 38.37 -0.33 3.03
N CYS B 260 37.52 0.55 2.50
CA CYS B 260 37.94 1.38 1.38
C CYS B 260 39.10 2.27 1.80
N ALA B 261 39.03 2.79 3.03
CA ALA B 261 40.09 3.65 3.54
C ALA B 261 41.40 2.88 3.52
N GLU B 262 41.37 1.69 4.11
CA GLU B 262 42.53 0.81 4.16
C GLU B 262 43.08 0.50 2.77
N ALA B 263 42.21 0.10 1.86
CA ALA B 263 42.64 -0.23 0.52
C ALA B 263 43.19 0.97 -0.22
N ALA B 264 42.69 2.15 0.11
CA ALA B 264 43.13 3.38 -0.56
C ALA B 264 44.45 3.90 -0.02
N GLY B 265 44.72 3.63 1.25
CA GLY B 265 45.96 4.10 1.85
C GLY B 265 46.11 5.61 1.77
N SER B 266 47.35 6.07 1.83
CA SER B 266 47.64 7.50 1.77
C SER B 266 47.70 8.04 0.35
N GLY B 267 47.32 7.24 -0.64
CA GLY B 267 47.40 7.72 -2.01
C GLY B 267 46.16 7.51 -2.86
N GLY B 268 45.16 6.81 -2.33
CA GLY B 268 43.95 6.59 -3.09
C GLY B 268 42.87 7.57 -2.70
N VAL B 269 41.80 7.60 -3.49
CA VAL B 269 40.68 8.48 -3.20
C VAL B 269 39.39 7.66 -3.11
N VAL B 270 38.63 7.84 -2.04
CA VAL B 270 37.36 7.12 -1.88
C VAL B 270 36.22 8.01 -2.39
N LEU B 271 35.43 7.51 -3.32
CA LEU B 271 34.33 8.28 -3.91
C LEU B 271 32.96 7.68 -3.62
N VAL B 272 32.12 8.41 -2.88
CA VAL B 272 30.77 7.97 -2.58
C VAL B 272 29.82 8.63 -3.56
N ILE B 273 29.06 7.85 -4.31
CA ILE B 273 28.14 8.42 -5.28
C ILE B 273 26.69 8.05 -4.95
N GLU B 274 25.93 9.03 -4.48
CA GLU B 274 24.53 8.81 -4.17
C GLU B 274 23.79 10.12 -3.89
N ALA B 275 22.48 10.07 -4.08
CA ALA B 275 21.65 11.24 -3.85
C ALA B 275 21.69 11.56 -2.36
N VAL B 276 22.30 12.68 -2.00
CA VAL B 276 22.38 13.09 -0.61
C VAL B 276 21.14 13.95 -0.33
N ALA B 277 20.81 14.14 0.94
CA ALA B 277 19.66 14.98 1.30
C ALA B 277 19.79 16.28 0.53
N GLY B 278 18.69 16.70 -0.10
CA GLY B 278 18.73 17.91 -0.88
C GLY B 278 18.65 17.56 -2.36
N ASP B 279 19.59 16.73 -2.83
CA ASP B 279 19.60 16.33 -4.24
C ASP B 279 18.26 15.74 -4.64
N GLU B 280 17.97 15.77 -5.94
CA GLU B 280 16.74 15.20 -6.47
C GLU B 280 16.91 13.69 -6.56
N HIS B 281 15.82 12.96 -6.81
CA HIS B 281 15.87 11.50 -6.85
C HIS B 281 16.25 11.04 -5.45
N ALA B 282 16.16 12.01 -4.53
CA ALA B 282 16.43 11.83 -3.11
C ALA B 282 15.24 12.48 -2.43
N GLY B 283 14.57 11.75 -1.54
CA GLY B 283 13.43 12.30 -0.85
C GLY B 283 13.14 11.51 0.41
N THR B 284 12.16 11.96 1.17
CA THR B 284 11.80 11.26 2.39
C THR B 284 11.23 9.89 1.99
N GLY B 285 10.68 9.82 0.78
CA GLY B 285 10.15 8.56 0.30
C GLY B 285 11.27 7.54 0.18
N MET B 286 12.35 7.94 -0.48
CA MET B 286 13.49 7.06 -0.65
C MET B 286 14.09 6.72 0.70
N ASP B 287 14.11 7.69 1.61
CA ASP B 287 14.67 7.44 2.93
C ASP B 287 13.89 6.38 3.68
N LEU B 288 12.56 6.41 3.59
CA LEU B 288 11.75 5.40 4.27
C LEU B 288 11.92 4.05 3.58
N ARG B 289 12.15 4.08 2.28
CA ARG B 289 12.34 2.85 1.53
C ARG B 289 13.63 2.18 2.01
N MET B 290 14.67 2.97 2.18
CA MET B 290 15.95 2.44 2.64
C MET B 290 15.80 1.85 4.04
N LEU B 291 14.97 2.49 4.85
CA LEU B 291 14.71 2.04 6.22
C LEU B 291 13.97 0.70 6.23
N THR B 292 12.92 0.58 5.44
CA THR B 292 12.16 -0.67 5.43
C THR B 292 12.87 -1.84 4.73
N TYR B 293 13.76 -1.55 3.78
CA TYR B 293 14.50 -2.61 3.08
C TYR B 293 15.67 -3.15 3.90
N PHE B 294 16.57 -2.27 4.34
CA PHE B 294 17.72 -2.74 5.10
C PHE B 294 18.03 -1.97 6.36
N GLY B 295 17.17 -1.03 6.74
CA GLY B 295 17.46 -0.25 7.92
C GLY B 295 18.55 0.76 7.61
N GLY B 296 18.70 1.06 6.32
CA GLY B 296 19.69 2.04 5.93
C GLY B 296 19.02 3.40 5.95
N LYS B 297 19.65 4.40 5.33
CA LYS B 297 19.06 5.72 5.31
C LYS B 297 19.74 6.65 4.33
N GLU B 298 19.02 7.69 3.92
CA GLU B 298 19.58 8.67 3.01
C GLU B 298 20.33 9.60 3.98
N ARG B 299 21.51 10.06 3.60
CA ARG B 299 22.26 10.93 4.49
C ARG B 299 22.64 12.26 3.87
N SER B 300 23.02 13.20 4.71
CA SER B 300 23.42 14.53 4.25
C SER B 300 24.95 14.56 4.18
N LEU B 301 25.51 15.60 3.56
CA LEU B 301 26.97 15.73 3.46
C LEU B 301 27.47 15.66 4.88
N ALA B 302 26.77 16.36 5.77
CA ALA B 302 27.13 16.38 7.17
C ALA B 302 27.23 14.96 7.71
N GLU B 303 26.18 14.18 7.50
CA GLU B 303 26.12 12.80 7.97
C GLU B 303 27.20 11.85 7.38
N LEU B 304 27.49 11.97 6.09
CA LEU B 304 28.52 11.12 5.48
C LEU B 304 29.86 11.49 6.10
N GLY B 305 30.05 12.79 6.32
CA GLY B 305 31.28 13.29 6.90
C GLY B 305 31.57 12.70 8.27
N GLU B 306 30.53 12.55 9.08
CA GLU B 306 30.72 11.98 10.41
C GLU B 306 31.13 10.51 10.29
N LEU B 307 30.66 9.85 9.24
CA LEU B 307 31.01 8.45 9.02
C LEU B 307 32.43 8.36 8.49
N ALA B 308 32.77 9.25 7.55
CA ALA B 308 34.11 9.26 7.00
C ALA B 308 35.10 9.46 8.15
N ALA B 309 34.75 10.32 9.09
CA ALA B 309 35.61 10.60 10.24
C ALA B 309 35.84 9.31 10.99
N GLN B 310 34.77 8.61 11.31
CA GLN B 310 34.86 7.34 12.02
C GLN B 310 35.59 6.28 11.21
N ALA B 311 36.07 6.64 10.03
CA ALA B 311 36.78 5.68 9.20
C ALA B 311 38.11 6.27 8.74
N GLY B 312 38.57 7.30 9.44
CA GLY B 312 39.84 7.92 9.10
C GLY B 312 39.84 8.65 7.77
N LEU B 313 38.65 9.05 7.32
CA LEU B 313 38.53 9.76 6.06
C LEU B 313 37.95 11.14 6.29
N ALA B 314 37.97 11.96 5.25
CA ALA B 314 37.43 13.31 5.35
C ALA B 314 37.00 13.84 3.99
N VAL B 315 35.79 14.39 3.93
CA VAL B 315 35.30 14.91 2.67
C VAL B 315 36.19 16.04 2.23
N ARG B 316 36.58 16.01 0.96
CA ARG B 316 37.44 17.04 0.40
C ARG B 316 36.66 17.80 -0.66
N ALA B 317 35.70 17.14 -1.29
CA ALA B 317 34.90 17.76 -2.34
C ALA B 317 33.54 17.11 -2.46
N ALA B 318 32.68 17.69 -3.28
CA ALA B 318 31.33 17.16 -3.49
C ALA B 318 30.70 17.79 -4.74
N HIS B 319 30.98 17.19 -5.90
CA HIS B 319 30.46 17.71 -7.15
C HIS B 319 29.08 17.15 -7.40
N PRO B 320 28.10 18.02 -7.67
CA PRO B 320 26.77 17.50 -7.92
C PRO B 320 26.77 17.12 -9.39
N ILE B 321 26.17 15.99 -9.73
CA ILE B 321 26.13 15.59 -11.12
C ILE B 321 24.71 15.12 -11.33
N SER B 322 23.99 15.81 -12.22
CA SER B 322 22.59 15.45 -12.48
C SER B 322 21.85 15.47 -11.14
N TYR B 323 21.08 14.45 -10.85
CA TYR B 323 20.32 14.42 -9.60
C TYR B 323 21.04 13.80 -8.41
N VAL B 324 22.34 13.57 -8.54
CA VAL B 324 23.12 12.96 -7.48
C VAL B 324 24.40 13.73 -7.19
N SER B 325 25.23 13.21 -6.30
CA SER B 325 26.49 13.87 -5.98
C SER B 325 27.64 12.89 -5.86
N ILE B 326 28.85 13.39 -6.03
CA ILE B 326 30.05 12.58 -5.90
C ILE B 326 30.76 13.17 -4.70
N VAL B 327 30.87 12.40 -3.64
CA VAL B 327 31.55 12.89 -2.44
C VAL B 327 32.94 12.28 -2.46
N GLU B 328 33.95 13.11 -2.67
CA GLU B 328 35.34 12.65 -2.71
C GLU B 328 35.98 12.73 -1.33
N MET B 329 36.35 11.57 -0.79
CA MET B 329 36.98 11.49 0.53
C MET B 329 38.44 11.06 0.41
N THR B 330 39.23 11.41 1.41
CA THR B 330 40.65 11.10 1.45
C THR B 330 41.06 10.79 2.87
N ALA B 331 42.21 10.14 3.02
CA ALA B 331 42.71 9.80 4.34
C ALA B 331 43.07 11.08 5.07
N LEU B 332 42.96 11.02 6.40
CA LEU B 332 43.28 12.16 7.23
C LEU B 332 44.80 12.34 7.41
#